data_1W7P
#
_entry.id   1W7P
#
_cell.length_a   149.908
_cell.length_b   149.908
_cell.length_c   186.152
_cell.angle_alpha   90.00
_cell.angle_beta   90.00
_cell.angle_gamma   90.00
#
_symmetry.space_group_name_H-M   'P 43 2 2'
#
loop_
_entity.id
_entity.type
_entity.pdbx_description
1 polymer 'VPS22, YPL002C'
2 polymer 'VPS25, YJR102C'
3 polymer 'VPS36P, YLR417W'
#
loop_
_entity_poly.entity_id
_entity_poly.type
_entity_poly.pdbx_seq_one_letter_code
_entity_poly.pdbx_strand_id
1 'polypeptide(L)'
;MKQFGLAAFDELKDGKYNDVNKTILEKQSVELRDQLMVFQERLVEFAKKHNSELQASPEFRSKFMHMCSSIGIDPLSLFD
RDKHLFTVNDFYYEVCLKVIEICRQTKDMNGGVISFQELEKVHFRKLNVGLDDLEKSIDMLKSLECFEIFQIRGKKFLRS
VPNELTSDQTKILEICSILGYSSISLLKANLGWEAVRSKSALDEMVANGLLWIDYQGGAEALYWDPSWITRQL
;
A
2 'polypeptide(L)'
;MSALPPVYSFPPLYTRQPNSLTRRQQISTWIDIISQYCKTKKIWYMSVDGTVINDNELDSGSTDNDDSKKISKNLFNNED
IQRSVSQVFIDEIWSQMTKEGKCLPIDQSGRRSSNTTTTRYFILWKSLDSWASLILQWFEDSGKLNQVITLYELSEGDET
VNWEFHRMPESLLYYCLKPLCDRNRATMLKDENDKVIAIKVV
;
B,C
3 'polypeptide(L)'
;MEYWHYVETTSSGQPLLREGEKDIFIDQSVGLYHGKSKILQRQRGRIFLTSQRIIYIDDAKPTQNSLGLELDDLAYVNYS
SGFLTRSPRLILFFKDPSSKDELGKSAETASADVVSTWVCPICMVSNETQGEFTKDTLPTPICINCGVPADYELTKSSIN
CSNAIDPNANPQNQFGVNSENICPACTFANHPQIGNCEICGHRLPNASKVRSKLNRLNFHDSRVHIELEKNSLARNKSSH
SALSSSSSTGSSTEFVQLSFRKSDGVLFSQATERALENILTEKNKHIFNQNVVSVNGVDMRKGASSHEYNNEVPFIETKL
SRIGISSLEKSRENQLLNNDILFNNALTDLNKLMSLATSIERLYKNSNITMKTKTLNLQDESTVNEPKTRRPLLILDREK
FLNKELFLDEIAREIYEFTLSEFKDLNSDTNYMIITLVDLYAMYNKSMRIGTGLISPMEMREACERFEHLGLNELKLVKV
NKRILCVTSEKFDVVKEKLVDLIGDNPGSDLLRLTQILSSNNSKSNWTLGILMEVLQNCVDEGDLLIDKQLSGIYYYKNS
YWPSHI
;
D
#
# COMPACT_ATOMS: atom_id res chain seq x y z
N VAL A 20 -40.35 -17.43 51.51
CA VAL A 20 -40.21 -18.41 50.39
C VAL A 20 -41.30 -18.16 49.32
N ASN A 21 -40.88 -17.63 48.16
CA ASN A 21 -41.78 -17.25 47.05
C ASN A 21 -41.68 -18.19 45.82
N LYS A 22 -42.42 -19.31 45.88
CA LYS A 22 -42.33 -20.39 44.87
C LYS A 22 -43.26 -20.18 43.65
N THR A 23 -44.55 -19.99 43.93
CA THR A 23 -45.65 -20.04 42.94
C THR A 23 -45.44 -19.26 41.63
N ILE A 24 -45.11 -17.98 41.78
CA ILE A 24 -45.27 -16.97 40.71
C ILE A 24 -44.14 -17.00 39.67
N LEU A 25 -42.93 -16.70 40.14
CA LEU A 25 -41.74 -16.58 39.31
C LEU A 25 -41.48 -17.83 38.47
N GLU A 26 -41.27 -18.95 39.16
CA GLU A 26 -40.85 -20.23 38.55
C GLU A 26 -41.91 -20.87 37.67
N LYS A 27 -43.14 -20.39 37.74
CA LYS A 27 -44.21 -20.89 36.86
C LYS A 27 -43.83 -20.71 35.39
N GLN A 28 -43.13 -19.62 35.10
CA GLN A 28 -42.58 -19.38 33.78
C GLN A 28 -41.18 -20.00 33.62
N SER A 29 -40.34 -19.88 34.64
CA SER A 29 -38.95 -20.34 34.54
C SER A 29 -38.89 -21.80 34.13
N VAL A 30 -39.42 -22.66 35.00
CA VAL A 30 -39.45 -24.09 34.75
C VAL A 30 -39.98 -24.31 33.36
N GLU A 31 -41.19 -23.78 33.13
CA GLU A 31 -41.96 -24.04 31.91
C GLU A 31 -41.18 -23.56 30.67
N LEU A 32 -40.73 -22.31 30.70
CA LEU A 32 -40.05 -21.69 29.54
C LEU A 32 -38.71 -22.32 29.27
N ARG A 33 -38.04 -22.76 30.33
CA ARG A 33 -36.69 -23.31 30.22
C ARG A 33 -36.74 -24.55 29.36
N ASP A 34 -37.67 -25.45 29.69
CA ASP A 34 -37.84 -26.68 28.93
C ASP A 34 -38.27 -26.38 27.49
N GLN A 35 -39.08 -25.33 27.31
CA GLN A 35 -39.56 -24.92 25.98
C GLN A 35 -38.41 -24.66 25.03
N LEU A 36 -37.44 -23.90 25.53
CA LEU A 36 -36.28 -23.54 24.76
C LEU A 36 -35.38 -24.76 24.54
N MET A 37 -34.81 -25.28 25.62
CA MET A 37 -33.87 -26.39 25.52
C MET A 37 -34.38 -27.45 24.55
N VAL A 38 -35.60 -27.94 24.80
CA VAL A 38 -36.22 -29.00 23.98
C VAL A 38 -36.45 -28.55 22.54
N PHE A 39 -36.57 -27.25 22.34
CA PHE A 39 -36.67 -26.70 21.00
C PHE A 39 -35.37 -26.76 20.18
N GLN A 40 -34.23 -26.60 20.85
CA GLN A 40 -32.93 -26.70 20.19
C GLN A 40 -32.88 -28.00 19.40
N GLU A 41 -33.37 -29.07 20.02
CA GLU A 41 -33.47 -30.37 19.35
C GLU A 41 -34.36 -30.29 18.11
N ARG A 42 -35.53 -29.67 18.26
CA ARG A 42 -36.44 -29.49 17.11
C ARG A 42 -35.77 -28.68 16.01
N LEU A 43 -34.92 -27.75 16.43
CA LEU A 43 -34.26 -26.87 15.51
C LEU A 43 -33.24 -27.66 14.70
N VAL A 44 -32.36 -28.39 15.39
CA VAL A 44 -31.32 -29.15 14.71
C VAL A 44 -31.90 -30.21 13.79
N GLU A 45 -33.15 -30.58 14.04
CA GLU A 45 -33.82 -31.61 13.25
C GLU A 45 -34.16 -31.06 11.88
N PHE A 46 -34.87 -29.94 11.84
CA PHE A 46 -35.25 -29.30 10.57
C PHE A 46 -34.01 -29.02 9.74
N ALA A 47 -32.93 -28.66 10.41
CA ALA A 47 -31.65 -28.37 9.75
C ALA A 47 -30.98 -29.64 9.23
N LYS A 48 -30.94 -30.68 10.06
CA LYS A 48 -30.23 -31.90 9.68
C LYS A 48 -31.07 -32.69 8.70
N LYS A 49 -32.37 -32.77 8.96
CA LYS A 49 -33.30 -33.42 8.04
C LYS A 49 -33.55 -32.61 6.77
N HIS A 50 -34.34 -31.53 6.85
CA HIS A 50 -34.70 -30.82 5.62
C HIS A 50 -33.54 -30.04 5.05
N ASN A 51 -33.10 -29.04 5.78
CA ASN A 51 -32.13 -28.16 5.20
C ASN A 51 -30.72 -28.76 5.28
N SER A 52 -30.58 -30.07 5.11
CA SER A 52 -29.26 -30.60 4.76
C SER A 52 -28.81 -30.09 3.37
N GLU A 53 -29.73 -29.52 2.59
CA GLU A 53 -29.41 -28.81 1.34
C GLU A 53 -29.09 -27.35 1.61
N LEU A 54 -29.19 -26.98 2.89
CA LEU A 54 -28.68 -25.72 3.45
C LEU A 54 -27.21 -25.44 3.09
N GLN A 55 -26.43 -26.51 2.99
CA GLN A 55 -25.01 -26.41 2.58
C GLN A 55 -24.84 -25.61 1.28
N ALA A 56 -25.92 -25.47 0.51
CA ALA A 56 -25.85 -24.88 -0.81
C ALA A 56 -26.83 -23.71 -1.08
N SER A 57 -27.35 -23.04 -0.04
CA SER A 57 -28.35 -21.99 -0.26
C SER A 57 -28.13 -20.73 0.60
N PRO A 58 -27.45 -19.72 0.06
CA PRO A 58 -27.14 -18.49 0.82
C PRO A 58 -28.33 -17.81 1.47
N GLU A 59 -29.53 -18.04 0.98
CA GLU A 59 -30.70 -17.42 1.57
C GLU A 59 -31.13 -18.20 2.79
N PHE A 60 -31.32 -19.51 2.62
CA PHE A 60 -31.84 -20.36 3.71
C PHE A 60 -31.02 -20.25 4.99
N ARG A 61 -29.71 -20.09 4.82
CA ARG A 61 -28.85 -19.80 5.94
C ARG A 61 -29.39 -18.56 6.64
N SER A 62 -29.31 -17.42 5.99
CA SER A 62 -29.68 -16.16 6.65
C SER A 62 -31.07 -16.18 7.32
N LYS A 63 -31.97 -17.03 6.85
CA LYS A 63 -33.30 -17.18 7.45
C LYS A 63 -33.17 -17.84 8.82
N PHE A 64 -32.63 -19.05 8.76
CA PHE A 64 -32.50 -19.96 9.88
C PHE A 64 -31.64 -19.39 10.98
N MET A 65 -30.60 -18.67 10.58
CA MET A 65 -29.66 -18.09 11.50
C MET A 65 -30.28 -16.88 12.18
N HIS A 66 -31.29 -16.25 11.55
CA HIS A 66 -31.87 -15.09 12.19
C HIS A 66 -32.87 -15.46 13.26
N MET A 67 -33.14 -16.74 13.38
CA MET A 67 -33.95 -17.25 14.46
C MET A 67 -33.08 -17.49 15.68
N CYS A 68 -32.04 -18.30 15.50
CA CYS A 68 -31.14 -18.64 16.60
C CYS A 68 -30.66 -17.37 17.28
N SER A 69 -30.41 -16.34 16.47
CA SER A 69 -30.02 -15.03 16.98
C SER A 69 -31.09 -14.49 17.91
N SER A 70 -32.34 -14.53 17.46
CA SER A 70 -33.50 -14.06 18.24
C SER A 70 -33.72 -14.78 19.57
N ILE A 71 -33.68 -16.10 19.56
CA ILE A 71 -33.66 -16.90 20.77
C ILE A 71 -32.43 -16.56 21.61
N GLY A 72 -31.28 -16.67 20.97
CA GLY A 72 -30.01 -16.46 21.62
C GLY A 72 -29.28 -17.78 21.61
N ILE A 73 -28.83 -18.15 20.42
CA ILE A 73 -28.10 -19.37 20.20
C ILE A 73 -27.03 -19.11 19.15
N ASP A 74 -25.82 -19.62 19.37
CA ASP A 74 -24.87 -19.59 18.29
C ASP A 74 -25.24 -20.70 17.34
N PRO A 75 -25.75 -20.33 16.19
CA PRO A 75 -26.17 -21.31 15.21
C PRO A 75 -25.03 -22.25 14.88
N LEU A 76 -23.82 -21.72 14.84
CA LEU A 76 -22.66 -22.53 14.54
C LEU A 76 -22.59 -23.73 15.49
N SER A 77 -23.05 -23.51 16.71
CA SER A 77 -23.03 -24.55 17.76
C SER A 77 -24.02 -25.68 17.50
N LEU A 78 -25.14 -25.41 16.84
CA LEU A 78 -26.11 -26.45 16.58
C LEU A 78 -25.50 -27.51 15.69
N PHE A 79 -24.55 -27.07 14.89
CA PHE A 79 -23.94 -27.88 13.86
C PHE A 79 -22.95 -28.87 14.42
N ASP A 80 -22.52 -28.63 15.64
CA ASP A 80 -21.45 -29.43 16.24
C ASP A 80 -21.64 -30.94 16.20
N ARG A 81 -22.72 -31.46 16.77
CA ARG A 81 -22.78 -32.93 16.95
C ARG A 81 -22.89 -33.72 15.63
N ASP A 82 -23.57 -33.18 14.62
CA ASP A 82 -23.85 -33.97 13.41
C ASP A 82 -22.78 -33.97 12.31
N LYS A 83 -22.65 -35.12 11.67
CA LYS A 83 -21.88 -35.24 10.43
C LYS A 83 -22.50 -34.24 9.43
N HIS A 84 -23.82 -34.40 9.28
CA HIS A 84 -24.72 -33.63 8.41
C HIS A 84 -24.52 -32.13 8.44
N LEU A 85 -24.34 -31.61 9.65
CA LEU A 85 -24.29 -30.18 9.86
C LEU A 85 -22.86 -29.69 9.92
N PHE A 86 -21.89 -30.61 9.98
CA PHE A 86 -20.49 -30.20 10.06
C PHE A 86 -19.87 -29.92 8.69
N THR A 87 -20.69 -29.87 7.65
CA THR A 87 -20.27 -29.29 6.39
C THR A 87 -20.56 -27.82 6.44
N VAL A 88 -21.69 -27.47 7.04
CA VAL A 88 -22.10 -26.07 7.05
C VAL A 88 -21.06 -25.18 7.74
N ASN A 89 -20.46 -25.68 8.81
CA ASN A 89 -19.34 -24.98 9.38
C ASN A 89 -18.27 -24.98 8.32
N ASP A 90 -17.93 -26.18 7.85
CA ASP A 90 -16.83 -26.33 6.92
C ASP A 90 -16.93 -25.40 5.72
N PHE A 91 -18.11 -24.88 5.44
CA PHE A 91 -18.30 -23.88 4.37
C PHE A 91 -17.88 -22.54 4.91
N TYR A 92 -18.41 -22.19 6.07
CA TYR A 92 -18.12 -20.92 6.68
C TYR A 92 -16.63 -20.73 6.87
N TYR A 93 -15.88 -21.80 7.07
CA TYR A 93 -14.44 -21.69 7.23
C TYR A 93 -13.84 -21.54 5.85
N GLU A 94 -14.25 -22.40 4.93
CA GLU A 94 -13.81 -22.35 3.54
C GLU A 94 -13.73 -20.92 3.04
N VAL A 95 -14.76 -20.16 3.43
CA VAL A 95 -14.92 -18.77 3.07
C VAL A 95 -13.89 -17.96 3.77
N CYS A 96 -13.87 -18.05 5.09
CA CYS A 96 -12.90 -17.34 5.90
C CYS A 96 -11.52 -17.50 5.35
N LEU A 97 -11.28 -18.65 4.75
CA LEU A 97 -10.01 -18.93 4.15
C LEU A 97 -9.84 -18.22 2.81
N LYS A 98 -10.94 -18.01 2.08
CA LYS A 98 -10.91 -17.20 0.86
C LYS A 98 -10.79 -15.71 1.14
N VAL A 99 -11.53 -15.21 2.10
CA VAL A 99 -11.41 -13.81 2.42
C VAL A 99 -9.97 -13.45 2.68
N ILE A 100 -9.27 -14.32 3.37
CA ILE A 100 -7.87 -14.06 3.64
C ILE A 100 -7.20 -13.83 2.31
N GLU A 101 -7.39 -14.80 1.44
CA GLU A 101 -6.69 -14.83 0.19
C GLU A 101 -7.03 -13.66 -0.65
N ILE A 102 -8.29 -13.29 -0.68
CA ILE A 102 -8.70 -12.13 -1.43
C ILE A 102 -7.83 -11.00 -1.01
N CYS A 103 -7.83 -10.74 0.26
CA CYS A 103 -7.17 -9.56 0.74
C CYS A 103 -5.69 -9.46 0.45
N ARG A 104 -5.06 -10.58 0.16
CA ARG A 104 -3.66 -10.53 -0.19
C ARG A 104 -3.50 -10.17 -1.66
N GLN A 105 -4.38 -10.66 -2.51
CA GLN A 105 -4.22 -10.40 -3.92
C GLN A 105 -4.54 -8.98 -4.30
N THR A 106 -5.45 -8.39 -3.57
CA THR A 106 -5.87 -7.06 -3.88
C THR A 106 -4.93 -6.04 -3.30
N LYS A 107 -4.13 -6.44 -2.32
CA LYS A 107 -3.38 -5.44 -1.57
C LYS A 107 -2.61 -4.51 -2.46
N ASP A 108 -2.32 -4.88 -3.70
CA ASP A 108 -1.73 -3.91 -4.61
C ASP A 108 -2.75 -3.03 -5.28
N MET A 109 -3.77 -3.65 -5.84
CA MET A 109 -4.87 -2.92 -6.45
C MET A 109 -5.39 -1.80 -5.56
N ASN A 110 -5.88 -2.16 -4.39
CA ASN A 110 -6.62 -1.22 -3.56
C ASN A 110 -5.84 -0.68 -2.37
N GLY A 111 -4.63 -1.18 -2.16
CA GLY A 111 -3.77 -0.65 -1.12
C GLY A 111 -4.07 -1.12 0.28
N GLY A 112 -4.85 -2.18 0.40
CA GLY A 112 -5.15 -2.72 1.70
C GLY A 112 -6.59 -2.71 2.09
N VAL A 113 -7.47 -2.10 1.33
CA VAL A 113 -8.86 -2.09 1.75
C VAL A 113 -9.84 -2.39 0.66
N ILE A 114 -10.79 -3.27 0.96
CA ILE A 114 -11.74 -3.68 -0.03
C ILE A 114 -13.17 -3.50 0.43
N SER A 115 -14.01 -3.07 -0.49
CA SER A 115 -15.42 -2.90 -0.21
C SER A 115 -16.00 -4.24 0.01
N PHE A 116 -17.00 -4.37 0.88
CA PHE A 116 -17.73 -5.62 0.97
C PHE A 116 -18.35 -5.87 -0.38
N GLN A 117 -18.89 -4.81 -0.99
CA GLN A 117 -19.34 -4.82 -2.38
C GLN A 117 -18.47 -5.72 -3.24
N GLU A 118 -17.15 -5.51 -3.19
CA GLU A 118 -16.22 -6.24 -4.05
C GLU A 118 -16.37 -7.69 -3.68
N LEU A 119 -16.22 -7.96 -2.40
CA LEU A 119 -16.20 -9.33 -1.91
C LEU A 119 -17.41 -10.10 -2.39
N GLU A 120 -18.58 -9.52 -2.19
CA GLU A 120 -19.82 -10.18 -2.54
C GLU A 120 -19.85 -10.50 -4.03
N LYS A 121 -19.84 -9.44 -4.85
CA LYS A 121 -20.22 -9.55 -6.24
C LYS A 121 -19.08 -10.08 -7.10
N VAL A 122 -17.85 -9.69 -6.74
CA VAL A 122 -16.74 -9.99 -7.60
C VAL A 122 -16.11 -11.33 -7.30
N HIS A 123 -15.55 -11.48 -6.11
CA HIS A 123 -14.73 -12.64 -5.82
C HIS A 123 -15.47 -13.92 -5.45
N PHE A 124 -16.70 -13.74 -4.99
CA PHE A 124 -17.48 -14.84 -4.40
C PHE A 124 -18.73 -15.29 -5.13
N ARG A 125 -19.35 -14.40 -5.87
CA ARG A 125 -20.46 -14.77 -6.74
C ARG A 125 -20.12 -16.08 -7.47
N LYS A 126 -18.83 -16.34 -7.64
CA LYS A 126 -18.32 -17.58 -8.22
C LYS A 126 -18.47 -18.85 -7.37
N LEU A 127 -18.80 -18.71 -6.09
CA LEU A 127 -18.87 -19.86 -5.17
C LEU A 127 -20.10 -19.82 -4.21
N ASN A 128 -21.19 -19.19 -4.66
CA ASN A 128 -22.50 -19.24 -3.97
C ASN A 128 -22.49 -18.73 -2.56
N VAL A 129 -21.96 -17.52 -2.37
CA VAL A 129 -21.80 -16.95 -1.04
C VAL A 129 -22.41 -15.57 -0.98
N GLY A 130 -23.08 -15.30 0.13
CA GLY A 130 -23.97 -14.16 0.22
C GLY A 130 -23.51 -13.22 1.29
N LEU A 131 -23.97 -11.99 1.21
CA LEU A 131 -23.40 -10.94 2.05
C LEU A 131 -23.49 -11.28 3.51
N ASP A 132 -24.59 -11.91 3.91
CA ASP A 132 -24.79 -12.27 5.32
C ASP A 132 -23.78 -13.32 5.73
N ASP A 133 -23.56 -14.31 4.86
CA ASP A 133 -22.55 -15.32 5.07
C ASP A 133 -21.18 -14.67 5.29
N LEU A 134 -20.77 -13.87 4.35
CA LEU A 134 -19.51 -13.20 4.45
C LEU A 134 -19.39 -12.51 5.79
N GLU A 135 -20.34 -11.64 6.06
CA GLU A 135 -20.34 -10.84 7.26
C GLU A 135 -19.95 -11.68 8.48
N LYS A 136 -20.55 -12.86 8.60
CA LYS A 136 -20.23 -13.82 9.65
C LYS A 136 -18.78 -14.23 9.61
N SER A 137 -18.34 -14.72 8.46
CA SER A 137 -16.97 -15.13 8.30
C SER A 137 -16.05 -14.11 8.87
N ILE A 138 -16.32 -12.85 8.57
CA ILE A 138 -15.47 -11.78 9.02
C ILE A 138 -15.60 -11.57 10.52
N ASP A 139 -16.77 -11.83 11.07
CA ASP A 139 -16.86 -11.81 12.50
C ASP A 139 -16.18 -12.97 13.12
N MET A 140 -15.83 -13.98 12.35
CA MET A 140 -15.06 -15.07 12.90
C MET A 140 -13.63 -14.71 12.97
N LEU A 141 -13.17 -14.04 11.94
CA LEU A 141 -11.78 -13.66 11.84
C LEU A 141 -11.45 -12.50 12.73
N LYS A 142 -12.44 -11.99 13.47
CA LYS A 142 -12.13 -11.06 14.53
C LYS A 142 -11.26 -11.85 15.46
N SER A 143 -11.39 -13.17 15.41
CA SER A 143 -10.61 -14.04 16.29
C SER A 143 -9.11 -13.90 16.10
N LEU A 144 -8.65 -13.71 14.87
CA LEU A 144 -7.22 -13.61 14.63
C LEU A 144 -6.72 -12.18 14.73
N GLU A 145 -7.59 -11.31 15.19
CA GLU A 145 -7.20 -9.93 15.46
C GLU A 145 -6.54 -9.36 14.23
N CYS A 146 -7.27 -9.39 13.14
CA CYS A 146 -6.65 -9.10 11.90
C CYS A 146 -7.14 -7.83 11.15
N PHE A 147 -8.36 -7.88 10.64
CA PHE A 147 -8.80 -6.82 9.79
C PHE A 147 -9.76 -5.99 10.62
N GLU A 148 -9.80 -4.71 10.35
CA GLU A 148 -10.83 -3.85 10.90
C GLU A 148 -11.91 -3.71 9.87
N ILE A 149 -13.06 -3.22 10.28
CA ILE A 149 -14.07 -2.88 9.32
C ILE A 149 -14.21 -1.40 9.39
N PHE A 150 -14.72 -0.79 8.34
CA PHE A 150 -15.10 0.60 8.42
C PHE A 150 -16.11 0.97 7.35
N GLN A 151 -17.02 1.88 7.69
CA GLN A 151 -18.13 2.24 6.82
C GLN A 151 -17.88 3.55 6.15
N ILE A 152 -18.47 3.74 4.97
CA ILE A 152 -18.28 4.98 4.25
C ILE A 152 -19.53 5.40 3.52
N ARG A 153 -19.99 6.61 3.81
CA ARG A 153 -21.32 7.00 3.44
C ARG A 153 -22.21 5.82 3.76
N GLY A 154 -21.82 5.00 4.73
CA GLY A 154 -22.65 3.90 5.17
C GLY A 154 -22.32 2.53 4.62
N LYS A 155 -21.53 2.43 3.56
CA LYS A 155 -21.13 1.12 3.04
C LYS A 155 -19.87 0.53 3.71
N LYS A 156 -19.91 -0.76 3.99
CA LYS A 156 -18.84 -1.42 4.78
C LYS A 156 -17.62 -1.73 3.95
N PHE A 157 -16.46 -1.69 4.57
CA PHE A 157 -15.19 -1.97 3.90
C PHE A 157 -14.36 -2.82 4.78
N LEU A 158 -13.25 -3.32 4.29
CA LEU A 158 -12.50 -4.31 5.06
C LEU A 158 -11.00 -4.09 5.04
N ARG A 159 -10.41 -3.71 6.17
CA ARG A 159 -9.05 -3.15 6.18
C ARG A 159 -7.96 -4.14 6.46
N SER A 160 -7.27 -4.58 5.43
CA SER A 160 -6.23 -5.58 5.60
C SER A 160 -4.91 -5.05 6.13
N VAL A 161 -4.75 -3.74 6.22
CA VAL A 161 -3.43 -3.20 6.51
C VAL A 161 -3.37 -2.70 7.92
N PRO A 162 -2.20 -2.32 8.34
CA PRO A 162 -1.93 -2.19 9.75
C PRO A 162 -2.17 -0.82 10.33
N ASN A 163 -2.86 0.08 9.65
CA ASN A 163 -3.28 1.31 10.32
C ASN A 163 -4.43 2.00 9.65
N GLU A 164 -5.36 2.47 10.47
CA GLU A 164 -6.59 3.05 9.97
C GLU A 164 -6.29 4.37 9.33
N LEU A 165 -7.31 4.90 8.69
CA LEU A 165 -7.21 6.07 7.83
C LEU A 165 -7.59 7.30 8.59
N THR A 166 -6.80 8.33 8.38
CA THR A 166 -6.96 9.52 9.16
C THR A 166 -8.33 10.04 8.92
N SER A 167 -8.76 10.96 9.78
CA SER A 167 -10.03 11.62 9.58
C SER A 167 -10.05 12.22 8.23
N ASP A 168 -8.91 12.78 7.82
CA ASP A 168 -8.80 13.35 6.49
C ASP A 168 -9.09 12.31 5.47
N GLN A 169 -8.37 11.21 5.54
CA GLN A 169 -8.44 10.20 4.51
C GLN A 169 -9.85 9.70 4.30
N THR A 170 -10.60 9.56 5.37
CA THR A 170 -11.94 8.99 5.31
C THR A 170 -12.85 9.87 4.52
N LYS A 171 -12.82 11.15 4.85
CA LYS A 171 -13.63 12.14 4.16
C LYS A 171 -13.39 12.04 2.68
N ILE A 172 -12.12 11.96 2.28
CA ILE A 172 -11.77 11.90 0.87
C ILE A 172 -12.57 10.82 0.21
N LEU A 173 -12.50 9.63 0.77
CA LEU A 173 -13.24 8.49 0.25
C LEU A 173 -14.73 8.78 0.16
N GLU A 174 -15.26 9.45 1.18
CA GLU A 174 -16.66 9.86 1.19
C GLU A 174 -16.98 10.65 -0.06
N ILE A 175 -16.03 11.46 -0.48
CA ILE A 175 -16.16 12.30 -1.64
C ILE A 175 -15.95 11.48 -2.89
N CYS A 176 -15.21 10.42 -2.76
CA CYS A 176 -14.98 9.59 -3.90
C CYS A 176 -16.09 8.60 -4.01
N SER A 177 -17.06 8.68 -3.13
CA SER A 177 -18.13 7.73 -3.25
C SER A 177 -18.92 8.05 -4.52
N ILE A 178 -19.18 9.32 -4.80
CA ILE A 178 -20.16 9.72 -5.86
C ILE A 178 -19.66 9.61 -7.28
N LEU A 179 -18.41 10.02 -7.48
CA LEU A 179 -17.78 10.04 -8.80
C LEU A 179 -16.68 9.03 -8.95
N GLY A 180 -15.96 8.79 -7.85
CA GLY A 180 -14.84 7.85 -7.83
C GLY A 180 -13.52 8.55 -7.63
N TYR A 181 -13.49 9.86 -7.84
CA TYR A 181 -12.23 10.59 -7.78
C TYR A 181 -12.38 11.90 -7.04
N SER A 182 -11.25 12.57 -6.86
CA SER A 182 -11.26 13.79 -6.09
C SER A 182 -10.14 14.73 -6.44
N SER A 183 -10.53 15.89 -6.95
CA SER A 183 -9.58 16.91 -7.31
C SER A 183 -9.28 17.74 -6.10
N ILE A 184 -8.21 18.50 -6.23
CA ILE A 184 -7.82 19.48 -5.23
C ILE A 184 -8.93 20.52 -5.15
N SER A 185 -9.49 20.83 -6.32
CA SER A 185 -10.56 21.82 -6.44
C SER A 185 -11.80 21.22 -5.85
N LEU A 186 -12.04 19.98 -6.21
CA LEU A 186 -13.20 19.24 -5.76
C LEU A 186 -13.32 19.20 -4.25
N LEU A 187 -12.18 19.04 -3.60
CA LEU A 187 -12.10 19.09 -2.15
C LEU A 187 -12.43 20.46 -1.68
N LYS A 188 -11.74 21.46 -2.22
CA LYS A 188 -12.02 22.84 -1.83
C LYS A 188 -13.52 23.14 -1.86
N ALA A 189 -14.25 22.47 -2.74
CA ALA A 189 -15.61 22.88 -3.09
C ALA A 189 -16.71 22.20 -2.32
N ASN A 190 -16.53 20.94 -1.93
CA ASN A 190 -17.64 20.18 -1.39
C ASN A 190 -17.60 20.05 0.09
N LEU A 191 -16.39 19.78 0.58
CA LEU A 191 -16.19 19.64 2.00
C LEU A 191 -15.74 20.99 2.54
N GLY A 192 -15.11 21.79 1.68
CA GLY A 192 -14.66 23.09 2.10
C GLY A 192 -13.33 22.89 2.74
N TRP A 193 -12.40 22.45 1.91
CA TRP A 193 -11.07 22.13 2.35
C TRP A 193 -10.17 23.18 1.72
N GLU A 194 -8.94 23.24 2.21
CA GLU A 194 -7.91 24.12 1.66
C GLU A 194 -7.36 23.55 0.34
N ALA A 195 -6.55 24.36 -0.31
CA ALA A 195 -5.80 23.91 -1.45
C ALA A 195 -4.71 22.95 -1.03
N VAL A 196 -3.79 23.44 -0.20
CA VAL A 196 -2.60 22.70 0.19
C VAL A 196 -2.98 21.55 1.11
N ARG A 197 -3.74 21.82 2.17
CA ARG A 197 -4.15 20.76 3.09
C ARG A 197 -4.66 19.59 2.31
N SER A 198 -5.35 19.89 1.22
CA SER A 198 -5.93 18.84 0.42
C SER A 198 -4.87 18.03 -0.32
N LYS A 199 -4.08 18.68 -1.14
CA LYS A 199 -3.12 17.94 -1.95
C LYS A 199 -2.06 17.28 -1.08
N SER A 200 -1.70 17.89 0.04
CA SER A 200 -0.63 17.36 0.88
C SER A 200 -1.10 16.04 1.43
N ALA A 201 -2.37 16.02 1.83
CA ALA A 201 -2.96 14.85 2.45
C ALA A 201 -3.55 13.94 1.38
N LEU A 202 -3.52 14.42 0.15
CA LEU A 202 -4.05 13.67 -0.98
C LEU A 202 -2.95 12.89 -1.68
N ASP A 203 -1.73 13.40 -1.69
CA ASP A 203 -0.60 12.63 -2.19
C ASP A 203 -0.20 11.58 -1.16
N GLU A 204 -0.41 11.87 0.13
CA GLU A 204 -0.25 10.84 1.16
C GLU A 204 -0.92 9.61 0.67
N MET A 205 -2.16 9.76 0.22
CA MET A 205 -2.97 8.62 -0.17
C MET A 205 -2.41 7.70 -1.26
N VAL A 206 -1.62 8.24 -2.19
CA VAL A 206 -1.12 7.42 -3.31
C VAL A 206 0.20 6.75 -3.00
N ALA A 207 0.95 7.36 -2.10
CA ALA A 207 2.11 6.70 -1.56
C ALA A 207 1.64 5.39 -1.03
N ASN A 208 0.49 5.44 -0.38
CA ASN A 208 -0.03 4.33 0.37
C ASN A 208 -0.96 3.43 -0.42
N GLY A 209 -1.01 3.65 -1.73
CA GLY A 209 -1.54 2.66 -2.65
C GLY A 209 -3.04 2.64 -2.67
N LEU A 210 -3.67 3.60 -2.00
CA LEU A 210 -5.11 3.56 -1.75
C LEU A 210 -5.81 4.08 -2.93
N LEU A 211 -5.33 5.23 -3.39
CA LEU A 211 -5.91 5.89 -4.53
C LEU A 211 -5.04 5.72 -5.71
N TRP A 212 -5.64 5.72 -6.87
CA TRP A 212 -4.90 5.68 -8.11
C TRP A 212 -4.92 7.07 -8.66
N ILE A 213 -3.81 7.54 -9.25
CA ILE A 213 -3.78 8.88 -9.82
C ILE A 213 -4.20 8.75 -11.24
N ASP A 214 -4.61 9.86 -11.81
CA ASP A 214 -5.03 9.96 -13.20
C ASP A 214 -4.71 11.37 -13.67
N TYR A 215 -3.73 11.47 -14.53
CA TYR A 215 -3.21 12.79 -14.88
C TYR A 215 -3.96 13.43 -16.07
N GLN A 216 -4.41 12.58 -16.99
CA GLN A 216 -5.09 12.98 -18.20
C GLN A 216 -6.32 13.80 -17.90
N GLY A 217 -6.78 13.77 -16.66
CA GLY A 217 -8.01 14.44 -16.25
C GLY A 217 -8.22 15.94 -16.51
N GLY A 218 -7.14 16.70 -16.61
CA GLY A 218 -7.24 18.08 -17.01
C GLY A 218 -6.13 18.96 -16.47
N ALA A 219 -6.53 20.08 -15.86
CA ALA A 219 -5.60 21.01 -15.21
C ALA A 219 -5.09 20.35 -13.96
N GLU A 220 -6.02 19.91 -13.13
CA GLU A 220 -5.68 19.17 -11.95
C GLU A 220 -5.53 17.75 -12.38
N ALA A 221 -4.91 16.99 -11.49
CA ALA A 221 -4.92 15.57 -11.58
C ALA A 221 -6.06 15.16 -10.68
N LEU A 222 -6.69 14.05 -11.02
CA LEU A 222 -7.70 13.50 -10.14
C LEU A 222 -7.26 12.15 -9.61
N TYR A 223 -7.73 11.92 -8.39
CA TYR A 223 -7.29 10.84 -7.56
C TYR A 223 -8.51 9.97 -7.40
N TRP A 224 -8.39 8.76 -7.95
CA TRP A 224 -9.45 7.77 -8.08
C TRP A 224 -9.38 6.66 -7.05
N ASP A 225 -10.51 6.04 -6.82
CA ASP A 225 -10.69 5.10 -5.73
C ASP A 225 -11.03 3.80 -6.40
N PRO A 226 -10.20 2.79 -6.23
CA PRO A 226 -10.39 1.54 -6.94
C PRO A 226 -11.76 0.93 -6.76
N SER A 227 -12.44 1.34 -5.71
CA SER A 227 -13.77 0.86 -5.46
C SER A 227 -14.77 1.24 -6.54
N TRP A 228 -14.65 2.42 -7.18
CA TRP A 228 -15.70 2.83 -8.11
C TRP A 228 -16.01 1.59 -8.90
N ILE A 229 -14.96 1.07 -9.52
CA ILE A 229 -15.04 -0.02 -10.45
C ILE A 229 -16.19 -0.93 -10.12
N THR A 230 -16.11 -1.38 -8.89
CA THR A 230 -16.89 -2.49 -8.44
C THR A 230 -18.37 -2.20 -8.43
N ARG A 231 -18.77 -1.05 -7.91
CA ARG A 231 -20.18 -0.76 -7.83
C ARG A 231 -20.71 -0.06 -9.05
N GLN A 232 -21.84 -0.59 -9.55
CA GLN A 232 -22.51 -0.15 -10.79
C GLN A 232 -24.02 -0.36 -10.69
N MET B 1 -18.09 -13.02 -18.31
CA MET B 1 -17.05 -13.23 -19.37
C MET B 1 -17.19 -12.25 -20.54
N SER B 2 -16.11 -11.58 -20.93
CA SER B 2 -16.19 -10.44 -21.90
C SER B 2 -14.84 -9.86 -22.33
N ALA B 3 -14.93 -8.84 -23.19
CA ALA B 3 -13.85 -7.89 -23.45
C ALA B 3 -14.11 -6.58 -22.70
N LEU B 4 -15.17 -6.61 -21.89
CA LEU B 4 -15.51 -5.57 -20.93
C LEU B 4 -15.13 -5.92 -19.46
N PRO B 5 -13.92 -6.48 -19.21
CA PRO B 5 -13.42 -6.47 -17.84
C PRO B 5 -13.71 -5.13 -17.18
N PRO B 6 -14.61 -5.08 -16.20
CA PRO B 6 -15.03 -3.82 -15.58
C PRO B 6 -13.88 -2.88 -15.28
N VAL B 7 -12.82 -3.43 -14.71
CA VAL B 7 -11.60 -2.71 -14.35
C VAL B 7 -11.12 -1.82 -15.48
N TYR B 8 -11.53 -2.18 -16.69
CA TYR B 8 -10.99 -1.65 -17.93
C TYR B 8 -11.54 -0.29 -18.22
N SER B 9 -12.82 -0.06 -17.97
CA SER B 9 -13.40 1.27 -18.16
C SER B 9 -12.97 2.30 -17.11
N PHE B 10 -12.02 1.92 -16.24
CA PHE B 10 -11.58 2.72 -15.09
C PHE B 10 -10.42 3.63 -15.49
N PRO B 11 -10.69 4.91 -15.62
CA PRO B 11 -9.72 5.92 -16.02
C PRO B 11 -8.24 5.80 -15.65
N PRO B 12 -7.85 5.68 -14.39
CA PRO B 12 -6.45 5.85 -14.07
C PRO B 12 -5.66 4.64 -14.46
N LEU B 13 -6.34 3.61 -14.96
CA LEU B 13 -5.66 2.48 -15.55
C LEU B 13 -4.72 2.97 -16.64
N TYR B 14 -5.18 3.97 -17.37
CA TYR B 14 -4.48 4.53 -18.50
C TYR B 14 -3.42 5.55 -18.12
N THR B 15 -3.28 5.88 -16.85
CA THR B 15 -2.22 6.78 -16.44
C THR B 15 -1.10 5.93 -15.81
N ARG B 16 0.16 6.30 -16.04
CA ARG B 16 1.29 5.51 -15.53
C ARG B 16 1.49 5.75 -14.05
N GLN B 17 1.25 4.70 -13.29
CA GLN B 17 1.07 4.83 -11.88
C GLN B 17 2.35 4.88 -11.13
N PRO B 18 2.47 5.86 -10.24
CA PRO B 18 3.72 6.16 -9.57
C PRO B 18 4.06 5.21 -8.45
N ASN B 19 3.08 4.70 -7.70
CA ASN B 19 3.38 3.76 -6.62
C ASN B 19 3.92 2.41 -7.10
N SER B 20 5.20 2.19 -6.80
CA SER B 20 5.96 1.14 -7.43
C SER B 20 5.20 -0.14 -7.28
N LEU B 21 4.40 -0.21 -6.21
CA LEU B 21 3.64 -1.42 -5.97
C LEU B 21 2.43 -1.40 -6.85
N THR B 22 1.72 -0.27 -6.86
CA THR B 22 0.47 -0.19 -7.58
C THR B 22 0.71 -0.59 -8.98
N ARG B 23 1.90 -0.31 -9.45
CA ARG B 23 2.21 -0.56 -10.84
C ARG B 23 2.20 -2.04 -11.12
N ARG B 24 2.98 -2.79 -10.33
CA ARG B 24 3.04 -4.26 -10.43
C ARG B 24 1.70 -4.80 -10.90
N GLN B 25 0.67 -4.32 -10.23
CA GLN B 25 -0.70 -4.70 -10.53
C GLN B 25 -1.19 -4.02 -11.79
N GLN B 26 -0.95 -2.71 -11.91
CA GLN B 26 -1.43 -1.99 -13.07
C GLN B 26 -1.10 -2.80 -14.28
N ILE B 27 0.17 -3.12 -14.41
CA ILE B 27 0.69 -3.71 -15.63
C ILE B 27 0.10 -5.08 -15.78
N SER B 28 0.16 -5.88 -14.74
CA SER B 28 -0.34 -7.22 -14.82
C SER B 28 -1.83 -7.25 -15.12
N THR B 29 -2.53 -6.18 -14.77
CA THR B 29 -3.93 -6.09 -15.10
C THR B 29 -4.06 -6.02 -16.60
N TRP B 30 -3.31 -5.08 -17.17
CA TRP B 30 -3.37 -4.77 -18.60
C TRP B 30 -3.17 -6.02 -19.41
N ILE B 31 -2.13 -6.73 -19.03
CA ILE B 31 -1.79 -7.96 -19.64
C ILE B 31 -2.98 -8.88 -19.62
N ASP B 32 -3.66 -8.94 -18.48
CA ASP B 32 -4.77 -9.87 -18.33
C ASP B 32 -5.92 -9.54 -19.26
N ILE B 33 -6.17 -8.25 -19.47
CA ILE B 33 -7.26 -7.84 -20.34
C ILE B 33 -6.95 -8.27 -21.76
N ILE B 34 -5.80 -7.80 -22.25
CA ILE B 34 -5.24 -8.12 -23.55
C ILE B 34 -5.48 -9.54 -23.92
N SER B 35 -4.82 -10.43 -23.19
CA SER B 35 -4.82 -11.85 -23.48
C SER B 35 -6.23 -12.37 -23.61
N GLN B 36 -7.08 -11.94 -22.70
CA GLN B 36 -8.41 -12.47 -22.63
C GLN B 36 -9.36 -11.76 -23.58
N TYR B 37 -8.87 -10.81 -24.37
CA TYR B 37 -9.67 -10.18 -25.42
C TYR B 37 -9.41 -10.91 -26.72
N CYS B 38 -8.16 -11.27 -26.91
CA CYS B 38 -7.78 -12.08 -28.05
C CYS B 38 -8.30 -13.47 -27.81
N LYS B 39 -8.59 -13.78 -26.56
CA LYS B 39 -9.17 -15.05 -26.23
C LYS B 39 -10.69 -14.96 -26.33
N THR B 40 -11.28 -13.84 -25.88
CA THR B 40 -12.75 -13.69 -25.85
C THR B 40 -13.28 -13.74 -27.28
N LYS B 41 -12.51 -13.16 -28.19
CA LYS B 41 -12.91 -13.10 -29.58
C LYS B 41 -11.92 -13.95 -30.37
N LYS B 42 -12.13 -14.07 -31.66
CA LYS B 42 -11.22 -14.86 -32.49
C LYS B 42 -9.80 -14.25 -32.65
N ILE B 43 -9.56 -13.02 -32.16
CA ILE B 43 -8.36 -12.25 -32.53
C ILE B 43 -7.05 -12.93 -32.16
N TRP B 44 -6.01 -12.64 -32.94
CA TRP B 44 -4.71 -13.28 -32.83
C TRP B 44 -3.57 -12.27 -32.60
N TYR B 45 -3.42 -11.28 -33.47
CA TYR B 45 -2.30 -10.35 -33.31
C TYR B 45 -2.72 -8.94 -33.03
N MET B 46 -1.75 -8.18 -32.55
CA MET B 46 -1.96 -6.78 -32.22
C MET B 46 -0.72 -5.98 -32.44
N SER B 47 -0.85 -4.82 -33.08
CA SER B 47 0.32 -4.00 -33.34
C SER B 47 0.68 -3.20 -32.11
N VAL B 48 1.95 -2.78 -32.04
CA VAL B 48 2.48 -2.00 -30.93
C VAL B 48 1.81 -0.62 -30.74
N ASP B 49 1.18 -0.11 -31.80
CA ASP B 49 0.31 1.05 -31.67
C ASP B 49 -0.75 0.69 -30.64
N GLY B 50 -1.03 -0.60 -30.57
CA GLY B 50 -2.14 -1.13 -29.81
C GLY B 50 -3.30 -1.43 -30.74
N THR B 51 -2.99 -1.58 -32.03
CA THR B 51 -4.03 -1.69 -33.03
C THR B 51 -4.50 -3.13 -33.18
N VAL B 52 -5.76 -3.29 -33.61
CA VAL B 52 -6.35 -4.61 -33.83
C VAL B 52 -7.63 -4.54 -34.68
N ILE B 53 -7.58 -5.19 -35.84
CA ILE B 53 -8.77 -5.46 -36.66
C ILE B 53 -9.17 -6.94 -36.38
N ASN B 54 -10.42 -7.32 -36.69
CA ASN B 54 -10.90 -8.69 -36.41
C ASN B 54 -10.91 -9.64 -37.63
N SER B 72 -12.00 -2.74 -37.04
CA SER B 72 -10.76 -2.18 -36.56
C SER B 72 -10.99 -1.29 -35.33
N LYS B 73 -10.11 -1.42 -34.33
CA LYS B 73 -10.15 -0.63 -33.08
C LYS B 73 -8.97 -0.97 -32.16
N ASN B 74 -8.73 -0.15 -31.13
CA ASN B 74 -7.46 -0.23 -30.40
C ASN B 74 -7.67 -0.33 -28.92
N LEU B 75 -6.89 -1.15 -28.23
CA LEU B 75 -7.11 -1.42 -26.81
C LEU B 75 -6.71 -0.29 -25.92
N PHE B 76 -5.50 0.20 -26.09
CA PHE B 76 -5.03 1.32 -25.32
C PHE B 76 -5.74 2.62 -25.70
N ASN B 77 -6.68 2.54 -26.65
CA ASN B 77 -7.51 3.68 -27.08
C ASN B 77 -8.83 3.28 -27.81
N ASN B 78 -9.44 2.15 -27.45
CA ASN B 78 -10.82 1.83 -27.85
C ASN B 78 -11.69 2.46 -26.75
N GLU B 79 -11.04 2.64 -25.60
CA GLU B 79 -11.59 3.38 -24.49
C GLU B 79 -11.20 4.84 -24.67
N ASP B 80 -10.98 5.26 -25.90
CA ASP B 80 -10.89 6.69 -26.20
C ASP B 80 -12.16 7.44 -25.76
N ILE B 81 -13.22 6.68 -25.50
CA ILE B 81 -14.47 7.25 -25.02
C ILE B 81 -14.32 7.70 -23.56
N GLN B 82 -13.08 8.00 -23.19
CA GLN B 82 -12.68 8.66 -21.97
C GLN B 82 -11.26 9.18 -22.26
N ARG B 83 -10.31 8.23 -22.39
CA ARG B 83 -8.87 8.52 -22.52
C ARG B 83 -8.05 7.38 -23.20
N SER B 84 -6.71 7.49 -23.22
CA SER B 84 -5.83 6.40 -23.74
C SER B 84 -4.34 6.53 -23.41
N VAL B 85 -3.59 5.48 -23.71
CA VAL B 85 -2.32 5.23 -23.02
C VAL B 85 -1.11 5.79 -23.70
N SER B 86 -0.23 6.37 -22.91
CA SER B 86 1.04 6.87 -23.42
C SER B 86 1.85 5.71 -23.97
N GLN B 87 2.21 5.78 -25.26
CA GLN B 87 2.96 4.70 -25.89
C GLN B 87 4.27 4.42 -25.17
N VAL B 88 4.92 5.47 -24.66
CA VAL B 88 6.13 5.31 -23.85
C VAL B 88 5.93 4.13 -22.92
N PHE B 89 4.81 4.20 -22.22
CA PHE B 89 4.43 3.18 -21.27
C PHE B 89 4.05 1.90 -21.96
N ILE B 90 3.24 1.98 -23.01
CA ILE B 90 2.74 0.76 -23.63
C ILE B 90 3.91 -0.11 -23.97
N ASP B 91 5.06 0.51 -24.16
CA ASP B 91 6.26 -0.24 -24.47
C ASP B 91 6.76 -0.95 -23.22
N GLU B 92 6.83 -0.24 -22.10
CA GLU B 92 7.15 -0.88 -20.83
C GLU B 92 6.34 -2.14 -20.59
N ILE B 93 5.08 -2.08 -21.00
CA ILE B 93 4.13 -3.14 -20.77
C ILE B 93 4.50 -4.35 -21.57
N TRP B 94 4.53 -4.20 -22.89
CA TRP B 94 4.80 -5.32 -23.78
C TRP B 94 6.01 -6.11 -23.27
N SER B 95 7.02 -5.40 -22.77
CA SER B 95 8.27 -6.05 -22.39
C SER B 95 8.12 -6.92 -21.15
N GLN B 96 7.18 -6.60 -20.27
CA GLN B 96 6.83 -7.55 -19.21
C GLN B 96 6.10 -8.72 -19.86
N MET B 97 5.12 -8.41 -20.70
CA MET B 97 4.31 -9.41 -21.41
C MET B 97 5.21 -10.41 -22.13
N THR B 98 6.33 -9.90 -22.58
CA THR B 98 7.33 -10.73 -23.18
C THR B 98 8.00 -11.49 -22.03
N LYS B 99 8.67 -10.74 -21.16
CA LYS B 99 9.60 -11.26 -20.15
C LYS B 99 9.33 -12.69 -19.72
N GLU B 100 8.10 -12.93 -19.26
CA GLU B 100 7.63 -14.27 -18.96
C GLU B 100 6.36 -14.58 -19.77
N GLY B 101 5.62 -13.53 -20.12
CA GLY B 101 4.27 -13.66 -20.64
C GLY B 101 4.09 -14.49 -21.89
N LYS B 102 2.98 -14.27 -22.57
CA LYS B 102 2.61 -15.05 -23.76
C LYS B 102 2.64 -14.27 -25.09
N CYS B 103 3.23 -13.07 -25.05
CA CYS B 103 3.38 -12.22 -26.24
C CYS B 103 4.69 -12.51 -27.00
N LEU B 104 4.69 -12.25 -28.31
CA LEU B 104 5.90 -12.33 -29.12
C LEU B 104 5.94 -11.39 -30.34
N PRO B 105 7.11 -10.76 -30.56
CA PRO B 105 7.32 -9.78 -31.65
C PRO B 105 7.49 -10.30 -33.12
N ILE B 106 6.56 -9.86 -33.98
CA ILE B 106 6.50 -10.20 -35.42
C ILE B 106 6.58 -8.94 -36.28
N ASP B 107 6.95 -9.11 -37.55
CA ASP B 107 6.68 -8.14 -38.60
C ASP B 107 5.85 -8.86 -39.64
N GLN B 108 6.48 -9.82 -40.31
CA GLN B 108 5.82 -10.71 -41.22
C GLN B 108 6.15 -12.09 -40.70
N SER B 109 7.43 -12.44 -40.79
CA SER B 109 7.93 -13.71 -40.28
C SER B 109 8.16 -13.57 -38.78
N GLY B 110 7.93 -14.67 -38.05
CA GLY B 110 7.89 -14.66 -36.60
C GLY B 110 9.08 -14.09 -35.85
N ARG B 111 10.23 -13.98 -36.53
CA ARG B 111 11.47 -13.58 -35.88
C ARG B 111 11.41 -12.18 -35.24
N ARG B 112 12.51 -11.77 -34.61
CA ARG B 112 12.63 -10.43 -34.03
C ARG B 112 14.03 -9.76 -34.16
N SER B 113 14.01 -8.55 -34.71
CA SER B 113 15.04 -7.51 -34.53
C SER B 113 14.24 -6.26 -34.06
N SER B 114 14.61 -5.67 -32.92
CA SER B 114 13.78 -4.62 -32.28
C SER B 114 13.26 -3.49 -33.20
N ASN B 115 13.92 -3.26 -34.34
CA ASN B 115 13.42 -2.34 -35.38
C ASN B 115 12.51 -3.03 -36.41
N THR B 116 13.08 -3.42 -37.56
CA THR B 116 12.32 -3.88 -38.74
C THR B 116 11.33 -4.98 -38.38
N THR B 117 11.84 -6.05 -37.77
CA THR B 117 11.10 -7.32 -37.63
C THR B 117 10.25 -7.44 -36.32
N THR B 118 9.96 -6.32 -35.63
CA THR B 118 9.12 -6.36 -34.40
C THR B 118 8.07 -5.24 -34.32
N THR B 119 7.36 -5.00 -35.42
CA THR B 119 6.40 -3.92 -35.51
C THR B 119 5.06 -4.32 -34.98
N ARG B 120 4.55 -5.45 -35.46
CA ARG B 120 3.34 -6.03 -34.93
C ARG B 120 3.74 -6.99 -33.81
N TYR B 121 2.74 -7.39 -33.01
CA TYR B 121 2.92 -8.20 -31.80
C TYR B 121 1.89 -9.31 -31.73
N PHE B 122 2.19 -10.36 -31.00
CA PHE B 122 1.27 -11.47 -30.90
C PHE B 122 1.04 -12.02 -29.51
N ILE B 123 -0.15 -12.53 -29.23
CA ILE B 123 -0.37 -13.20 -27.95
C ILE B 123 -1.32 -14.38 -27.96
N LEU B 124 -0.99 -15.34 -27.10
CA LEU B 124 -1.81 -16.50 -26.82
C LEU B 124 -2.40 -16.43 -25.44
N TRP B 125 -3.35 -17.34 -25.23
CA TRP B 125 -3.91 -17.59 -23.91
C TRP B 125 -3.27 -18.91 -23.46
N LYS B 126 -3.19 -19.89 -24.39
CA LYS B 126 -2.43 -21.13 -24.17
C LYS B 126 -0.96 -20.81 -24.21
N SER B 127 -0.14 -21.77 -23.75
CA SER B 127 1.30 -21.71 -23.99
C SER B 127 1.62 -22.15 -25.41
N LEU B 128 2.88 -22.02 -25.80
CA LEU B 128 3.35 -22.63 -27.04
C LEU B 128 3.38 -24.12 -26.89
N ASP B 129 3.98 -24.56 -25.79
CA ASP B 129 4.06 -25.97 -25.42
C ASP B 129 2.67 -26.59 -25.36
N SER B 130 1.74 -25.83 -24.76
CA SER B 130 0.37 -26.31 -24.55
C SER B 130 -0.47 -26.30 -25.82
N TRP B 131 -0.35 -25.22 -26.61
CA TRP B 131 -1.12 -25.11 -27.86
C TRP B 131 -0.62 -26.13 -28.92
N ALA B 132 0.68 -26.41 -28.85
CA ALA B 132 1.26 -27.50 -29.63
C ALA B 132 0.69 -28.84 -29.16
N SER B 133 0.42 -28.92 -27.86
CA SER B 133 -0.14 -30.13 -27.24
C SER B 133 -1.58 -30.42 -27.72
N LEU B 134 -2.18 -29.51 -28.49
CA LEU B 134 -3.61 -29.65 -28.81
C LEU B 134 -3.92 -30.17 -30.19
N ILE B 135 -2.95 -30.14 -31.10
CA ILE B 135 -3.15 -30.86 -32.34
C ILE B 135 -2.49 -32.25 -32.23
N LEU B 136 -1.65 -32.40 -31.21
CA LEU B 136 -1.31 -33.72 -30.69
C LEU B 136 -2.63 -34.40 -30.29
N GLN B 137 -3.64 -33.61 -29.94
CA GLN B 137 -4.97 -34.16 -29.61
C GLN B 137 -5.90 -34.30 -30.84
N TRP B 138 -5.80 -33.44 -31.87
CA TRP B 138 -6.55 -33.67 -33.13
C TRP B 138 -6.10 -35.00 -33.68
N PHE B 139 -4.80 -35.16 -33.76
CA PHE B 139 -4.20 -36.30 -34.44
C PHE B 139 -3.88 -37.51 -33.54
N GLU B 140 -3.95 -37.36 -32.21
CA GLU B 140 -3.73 -38.49 -31.30
C GLU B 140 -5.03 -39.18 -30.94
N ASP B 141 -6.11 -38.41 -30.84
CA ASP B 141 -7.44 -38.97 -30.57
C ASP B 141 -8.16 -39.35 -31.86
N SER B 142 -7.76 -38.75 -32.99
CA SER B 142 -8.29 -39.10 -34.32
C SER B 142 -7.36 -40.01 -35.13
N GLY B 143 -6.12 -40.16 -34.67
CA GLY B 143 -5.15 -41.04 -35.32
C GLY B 143 -4.82 -40.67 -36.76
N LYS B 144 -4.65 -39.36 -37.01
CA LYS B 144 -4.32 -38.85 -38.34
C LYS B 144 -2.79 -38.63 -38.50
N LEU B 145 -2.00 -39.35 -37.69
CA LEU B 145 -0.53 -39.21 -37.66
C LEU B 145 0.21 -39.51 -38.98
N ASN B 146 -0.38 -40.33 -39.84
CA ASN B 146 0.27 -40.71 -41.09
C ASN B 146 0.20 -39.64 -42.17
N GLN B 147 -0.78 -38.75 -42.07
CA GLN B 147 -1.06 -37.77 -43.12
C GLN B 147 0.00 -36.70 -43.34
N VAL B 148 -0.17 -35.98 -44.44
CA VAL B 148 0.57 -34.74 -44.73
C VAL B 148 -0.44 -33.64 -45.07
N ILE B 149 -0.47 -32.58 -44.25
CA ILE B 149 -1.36 -31.46 -44.51
C ILE B 149 -0.58 -30.17 -44.39
N THR B 150 -1.14 -29.09 -44.92
CA THR B 150 -0.51 -27.77 -44.90
C THR B 150 -1.17 -26.80 -43.91
N LEU B 151 -0.49 -25.68 -43.69
CA LEU B 151 -1.02 -24.59 -42.88
C LEU B 151 -2.29 -24.06 -43.47
N TYR B 152 -2.27 -23.84 -44.79
CA TYR B 152 -3.42 -23.35 -45.53
C TYR B 152 -4.67 -24.22 -45.40
N GLU B 153 -4.49 -25.47 -44.97
CA GLU B 153 -5.58 -26.45 -44.93
C GLU B 153 -6.19 -26.71 -43.56
N LEU B 154 -5.41 -26.54 -42.49
CA LEU B 154 -5.95 -26.69 -41.13
C LEU B 154 -6.55 -25.41 -40.56
N SER B 155 -6.28 -24.28 -41.21
CA SER B 155 -6.62 -22.97 -40.67
C SER B 155 -7.95 -22.38 -41.17
N GLU B 156 -8.24 -22.51 -42.47
CA GLU B 156 -9.58 -22.12 -42.98
C GLU B 156 -10.16 -23.18 -43.91
N GLY B 157 -11.49 -23.30 -43.85
CA GLY B 157 -12.21 -24.20 -44.73
C GLY B 157 -12.80 -25.38 -44.00
N ASP B 158 -11.96 -26.38 -43.73
CA ASP B 158 -12.42 -27.71 -43.33
C ASP B 158 -12.11 -28.15 -41.88
N GLU B 159 -11.08 -27.57 -41.25
CA GLU B 159 -10.69 -27.95 -39.88
C GLU B 159 -11.28 -27.05 -38.80
N THR B 160 -12.27 -26.25 -39.17
CA THR B 160 -13.02 -25.49 -38.20
C THR B 160 -13.96 -26.44 -37.46
N VAL B 161 -13.57 -26.78 -36.23
CA VAL B 161 -14.43 -27.52 -35.29
C VAL B 161 -14.37 -26.63 -34.07
N ASN B 162 -15.07 -26.93 -32.97
CA ASN B 162 -14.87 -26.12 -31.77
C ASN B 162 -13.41 -26.18 -31.25
N TRP B 163 -12.54 -26.83 -32.03
CA TRP B 163 -11.10 -26.59 -31.98
C TRP B 163 -10.83 -25.19 -32.52
N GLU B 164 -10.35 -24.26 -31.68
CA GLU B 164 -10.27 -22.87 -32.13
C GLU B 164 -9.06 -22.50 -32.96
N PHE B 165 -8.11 -23.38 -33.14
CA PHE B 165 -6.90 -22.95 -33.83
C PHE B 165 -7.16 -22.57 -35.30
N HIS B 166 -8.32 -22.95 -35.87
CA HIS B 166 -8.68 -22.48 -37.21
C HIS B 166 -8.48 -20.97 -37.23
N ARG B 167 -7.74 -20.49 -38.21
CA ARG B 167 -7.40 -19.08 -38.35
C ARG B 167 -6.09 -18.70 -37.61
N MET B 168 -5.30 -19.70 -37.19
CA MET B 168 -3.95 -19.40 -36.69
C MET B 168 -3.10 -19.06 -37.91
N PRO B 169 -2.47 -17.87 -37.94
CA PRO B 169 -1.92 -17.32 -39.19
C PRO B 169 -0.72 -18.04 -39.83
N GLU B 170 -0.16 -17.38 -40.83
CA GLU B 170 1.01 -17.87 -41.55
C GLU B 170 2.20 -18.15 -40.61
N SER B 171 2.72 -17.10 -39.94
CA SER B 171 3.99 -17.17 -39.19
C SER B 171 3.89 -17.77 -37.77
N LEU B 172 2.66 -17.96 -37.29
CA LEU B 172 2.49 -18.50 -35.96
C LEU B 172 2.26 -19.99 -36.01
N LEU B 173 1.29 -20.43 -36.80
CA LEU B 173 1.15 -21.87 -36.98
C LEU B 173 2.56 -22.46 -37.06
N TYR B 174 3.45 -21.78 -37.80
CA TYR B 174 4.87 -22.15 -37.94
C TYR B 174 5.58 -22.23 -36.60
N TYR B 175 5.52 -21.12 -35.86
CA TYR B 175 6.18 -20.99 -34.57
C TYR B 175 5.72 -21.99 -33.52
N CYS B 176 4.43 -22.34 -33.57
CA CYS B 176 3.77 -23.12 -32.52
C CYS B 176 3.79 -24.62 -32.83
N LEU B 177 4.17 -24.95 -34.05
CA LEU B 177 4.42 -26.32 -34.40
C LEU B 177 5.88 -26.64 -34.12
N LYS B 178 6.72 -25.60 -34.08
CA LYS B 178 8.17 -25.75 -33.86
C LYS B 178 8.55 -26.49 -32.55
N PRO B 179 7.79 -26.26 -31.47
CA PRO B 179 8.01 -26.99 -30.21
C PRO B 179 7.75 -28.49 -30.25
N LEU B 180 7.02 -29.00 -31.25
CA LEU B 180 6.84 -30.45 -31.43
C LEU B 180 8.16 -31.22 -31.38
N CYS B 181 9.27 -30.49 -31.49
CA CYS B 181 10.60 -31.05 -31.40
C CYS B 181 11.28 -30.60 -30.12
N ASP B 182 11.48 -31.57 -29.23
CA ASP B 182 12.34 -31.41 -28.06
C ASP B 182 13.62 -32.18 -28.41
N ARG B 183 13.45 -33.50 -28.55
CA ARG B 183 14.45 -34.40 -29.09
C ARG B 183 13.75 -35.30 -30.12
N ASN B 184 12.45 -35.55 -29.88
CA ASN B 184 11.53 -36.20 -30.82
C ASN B 184 10.34 -35.29 -31.17
N ARG B 185 9.63 -35.64 -32.24
CA ARG B 185 8.65 -34.75 -32.86
C ARG B 185 7.66 -35.41 -33.83
N ALA B 186 7.01 -34.56 -34.63
CA ALA B 186 6.45 -34.95 -35.91
C ALA B 186 7.00 -33.98 -36.99
N THR B 187 7.16 -34.44 -38.22
CA THR B 187 7.95 -33.69 -39.21
C THR B 187 7.29 -32.47 -39.87
N MET B 188 8.14 -31.67 -40.51
CA MET B 188 7.73 -30.51 -41.29
C MET B 188 8.55 -30.43 -42.58
N LEU B 189 8.01 -29.75 -43.59
CA LEU B 189 8.63 -29.59 -44.92
C LEU B 189 9.06 -28.12 -45.18
N LYS B 190 10.14 -27.96 -45.96
CA LYS B 190 10.65 -26.64 -46.33
C LYS B 190 11.09 -26.56 -47.79
N ASP B 191 10.92 -25.38 -48.39
CA ASP B 191 11.56 -24.99 -49.66
C ASP B 191 11.51 -23.45 -49.87
N GLU B 192 12.21 -23.00 -50.92
CA GLU B 192 12.01 -21.68 -51.55
C GLU B 192 10.51 -21.39 -51.70
N ASN B 193 9.76 -22.44 -52.07
CA ASN B 193 8.31 -22.39 -52.33
C ASN B 193 7.33 -22.66 -51.13
N ASP B 194 7.73 -23.39 -50.07
CA ASP B 194 6.71 -23.94 -49.11
C ASP B 194 6.87 -23.75 -47.56
N LYS B 195 5.90 -24.32 -46.83
CA LYS B 195 5.89 -24.40 -45.36
C LYS B 195 4.66 -25.21 -44.89
N VAL B 196 4.88 -26.51 -44.61
CA VAL B 196 3.80 -27.51 -44.38
C VAL B 196 4.19 -28.65 -43.39
N ILE B 197 3.21 -29.40 -42.86
CA ILE B 197 3.47 -30.36 -41.76
C ILE B 197 2.78 -31.75 -41.81
N ALA B 198 3.55 -32.75 -41.36
CA ALA B 198 3.13 -34.15 -41.27
C ALA B 198 3.57 -34.77 -39.95
N ILE B 199 2.95 -35.88 -39.57
CA ILE B 199 3.15 -36.47 -38.23
C ILE B 199 3.70 -37.89 -38.28
N MET C 1 32.38 26.79 3.79
CA MET C 1 30.98 26.25 3.71
C MET C 1 30.71 25.20 4.81
N SER C 2 30.23 25.66 5.96
CA SER C 2 29.66 24.77 7.00
C SER C 2 28.20 24.45 6.66
N ALA C 3 27.63 25.36 5.85
CA ALA C 3 26.20 25.50 5.58
C ALA C 3 25.46 24.25 5.02
N LEU C 4 26.24 23.27 4.55
CA LEU C 4 25.75 22.12 3.80
C LEU C 4 25.87 20.77 4.56
N PRO C 5 25.61 20.74 5.88
CA PRO C 5 25.87 19.53 6.68
C PRO C 5 25.49 18.20 6.00
N PRO C 6 26.27 17.15 6.23
CA PRO C 6 25.94 15.82 5.69
C PRO C 6 24.48 15.44 5.91
N VAL C 7 23.86 15.98 6.96
CA VAL C 7 22.51 15.55 7.37
C VAL C 7 21.44 15.90 6.31
N TYR C 8 21.85 16.67 5.32
CA TYR C 8 20.95 17.33 4.39
C TYR C 8 20.95 16.63 3.03
N SER C 9 21.80 15.61 2.85
CA SER C 9 21.73 14.79 1.67
C SER C 9 20.83 13.65 1.98
N PHE C 10 20.24 13.70 3.18
CA PHE C 10 19.57 12.56 3.82
C PHE C 10 18.07 12.70 3.58
N PRO C 11 17.50 11.89 2.70
CA PRO C 11 16.11 12.08 2.25
C PRO C 11 15.03 12.16 3.33
N PRO C 12 15.17 11.39 4.40
CA PRO C 12 14.24 11.46 5.52
C PRO C 12 14.19 12.78 6.27
N LEU C 13 15.26 13.54 6.22
CA LEU C 13 15.21 14.92 6.69
C LEU C 13 14.06 15.65 6.03
N TYR C 14 13.84 15.35 4.75
CA TYR C 14 12.75 15.94 3.97
C TYR C 14 11.43 15.13 4.02
N THR C 15 11.18 14.45 5.13
CA THR C 15 9.87 13.86 5.31
C THR C 15 9.46 13.76 6.76
N ARG C 16 8.54 14.66 7.08
CA ARG C 16 7.91 14.75 8.38
C ARG C 16 7.79 13.36 9.01
N GLN C 17 8.75 13.08 9.87
CA GLN C 17 8.81 11.82 10.56
C GLN C 17 7.66 11.71 11.56
N PRO C 18 6.97 10.58 11.54
CA PRO C 18 5.80 10.38 12.39
C PRO C 18 6.09 10.30 13.88
N ASN C 19 7.22 9.77 14.28
CA ASN C 19 7.39 9.56 15.71
C ASN C 19 7.62 10.83 16.50
N SER C 20 6.70 11.12 17.43
CA SER C 20 6.72 12.29 18.30
C SER C 20 8.11 12.74 18.73
N LEU C 21 8.88 11.81 19.26
CA LEU C 21 10.14 12.11 19.89
C LEU C 21 11.22 12.31 18.87
N THR C 22 11.22 11.42 17.88
CA THR C 22 12.16 11.45 16.77
C THR C 22 11.95 12.67 15.84
N ARG C 23 10.81 13.33 15.99
CA ARG C 23 10.47 14.50 15.20
C ARG C 23 11.07 15.70 15.86
N ARG C 24 10.88 15.85 17.16
CA ARG C 24 11.46 16.97 17.90
C ARG C 24 12.93 17.06 17.50
N GLN C 25 13.54 15.90 17.41
CA GLN C 25 14.93 15.75 16.98
C GLN C 25 15.14 16.23 15.56
N GLN C 26 14.26 15.79 14.66
CA GLN C 26 14.25 16.24 13.26
C GLN C 26 14.09 17.75 13.17
N ILE C 27 13.14 18.26 13.95
CA ILE C 27 12.85 19.68 13.98
C ILE C 27 14.08 20.47 14.43
N SER C 28 14.64 20.06 15.56
CA SER C 28 15.79 20.74 16.14
C SER C 28 16.95 20.81 15.15
N THR C 29 17.03 19.85 14.22
CA THR C 29 18.14 19.78 13.27
C THR C 29 17.91 20.67 12.05
N TRP C 30 16.67 20.80 11.58
CA TRP C 30 16.39 21.84 10.57
C TRP C 30 16.82 23.23 11.08
N ILE C 31 16.47 23.49 12.34
CA ILE C 31 16.77 24.74 13.01
C ILE C 31 18.27 25.01 13.02
N ASP C 32 19.05 23.96 13.19
CA ASP C 32 20.49 24.08 13.23
C ASP C 32 21.13 24.37 11.90
N ILE C 33 20.49 23.97 10.78
CA ILE C 33 21.10 24.26 9.47
C ILE C 33 20.64 25.57 8.90
N ILE C 34 19.39 25.92 9.21
CA ILE C 34 18.88 27.26 8.97
C ILE C 34 19.71 28.27 9.73
N SER C 35 20.01 27.95 10.98
CA SER C 35 20.87 28.78 11.81
C SER C 35 22.24 28.97 11.14
N GLN C 36 22.86 27.85 10.78
CA GLN C 36 24.22 27.83 10.22
C GLN C 36 24.29 28.46 8.83
N TYR C 37 23.25 28.29 8.02
CA TYR C 37 23.26 28.78 6.64
C TYR C 37 23.36 30.27 6.68
N CYS C 38 22.56 30.86 7.55
CA CYS C 38 22.46 32.31 7.64
C CYS C 38 23.64 32.94 8.37
N LYS C 39 24.28 32.18 9.26
CA LYS C 39 25.45 32.69 9.94
C LYS C 39 26.63 32.60 8.97
N THR C 40 26.85 31.42 8.39
CA THR C 40 27.98 31.19 7.47
C THR C 40 27.83 31.91 6.11
N LYS C 41 26.64 32.37 5.77
CA LYS C 41 26.42 33.19 4.58
C LYS C 41 25.85 34.54 4.99
N LYS C 42 25.63 35.43 4.02
CA LYS C 42 25.23 36.81 4.37
C LYS C 42 23.76 36.93 4.73
N ILE C 43 22.99 35.91 4.34
CA ILE C 43 21.54 35.96 4.43
C ILE C 43 21.04 36.38 5.83
N TRP C 44 19.88 37.04 5.84
CA TRP C 44 19.25 37.53 7.06
C TRP C 44 17.82 37.03 7.19
N TYR C 45 17.00 37.27 6.17
CA TYR C 45 15.62 36.80 6.18
C TYR C 45 15.41 35.66 5.23
N MET C 46 14.32 34.95 5.46
CA MET C 46 13.90 33.85 4.60
C MET C 46 12.37 33.80 4.51
N SER C 47 11.85 33.71 3.29
CA SER C 47 10.41 33.54 3.13
C SER C 47 9.93 32.20 3.70
N VAL C 48 8.62 32.14 3.90
CA VAL C 48 7.94 30.94 4.34
C VAL C 48 7.81 29.93 3.19
N ASP C 49 8.03 30.33 1.95
CA ASP C 49 8.17 29.37 0.86
C ASP C 49 9.40 28.60 1.25
N GLY C 50 10.33 29.32 1.86
CA GLY C 50 11.60 28.78 2.28
C GLY C 50 12.67 29.18 1.30
N THR C 51 12.38 30.22 0.52
CA THR C 51 13.31 30.75 -0.45
C THR C 51 14.12 31.80 0.23
N VAL C 52 15.09 32.34 -0.52
CA VAL C 52 15.89 33.47 -0.07
C VAL C 52 16.59 34.13 -1.27
N ILE C 53 17.06 35.36 -1.09
CA ILE C 53 18.13 35.86 -1.93
C ILE C 53 19.18 36.42 -0.98
N ASN C 54 20.46 36.38 -1.43
CA ASN C 54 21.52 37.08 -0.70
C ASN C 54 21.64 38.60 -1.05
N SER C 72 19.33 33.50 -5.81
CA SER C 72 18.07 33.08 -5.18
C SER C 72 17.97 31.54 -4.95
N LYS C 73 17.96 31.11 -3.69
CA LYS C 73 17.84 29.69 -3.37
C LYS C 73 16.70 29.40 -2.41
N ASN C 74 16.24 28.15 -2.41
CA ASN C 74 15.32 27.63 -1.40
C ASN C 74 16.03 26.53 -0.65
N LEU C 75 16.13 26.63 0.67
CA LEU C 75 16.82 25.61 1.48
C LEU C 75 16.20 24.22 1.47
N PHE C 76 14.88 24.18 1.49
CA PHE C 76 14.13 22.95 1.53
C PHE C 76 13.97 22.29 0.16
N ASN C 77 13.64 23.08 -0.85
CA ASN C 77 13.44 22.46 -2.16
C ASN C 77 14.69 22.46 -3.02
N ASN C 78 15.46 23.57 -2.97
CA ASN C 78 16.73 23.67 -3.69
C ASN C 78 17.56 22.33 -3.58
N GLU C 79 17.10 21.37 -2.76
CA GLU C 79 17.56 19.98 -2.90
C GLU C 79 17.09 19.35 -4.20
N ASP C 80 17.81 19.75 -5.27
CA ASP C 80 17.50 19.35 -6.64
C ASP C 80 18.19 18.04 -6.97
N ILE C 81 19.31 17.73 -6.30
CA ILE C 81 20.00 16.46 -6.59
C ILE C 81 19.08 15.29 -6.15
N GLN C 82 18.06 15.59 -5.34
CA GLN C 82 17.04 14.60 -5.03
C GLN C 82 15.63 15.10 -5.37
N ARG C 83 14.91 15.40 -4.27
CA ARG C 83 13.49 15.78 -4.22
C ARG C 83 13.24 16.51 -2.88
N SER C 84 12.12 17.25 -2.75
CA SER C 84 12.04 18.31 -1.71
C SER C 84 10.90 18.14 -0.72
N VAL C 85 10.60 19.21 0.07
CA VAL C 85 9.58 19.07 1.13
C VAL C 85 8.52 20.11 1.51
N SER C 86 7.41 19.54 1.98
CA SER C 86 6.13 20.15 2.29
C SER C 86 6.13 21.24 3.31
N GLN C 87 5.10 22.05 3.09
CA GLN C 87 4.89 23.37 3.66
C GLN C 87 3.86 23.29 4.76
N VAL C 88 3.18 22.14 4.83
CA VAL C 88 2.25 21.85 5.93
C VAL C 88 3.11 21.50 7.13
N PHE C 89 4.33 21.08 6.82
CA PHE C 89 5.27 20.70 7.85
C PHE C 89 6.05 21.88 8.29
N ILE C 90 6.50 22.65 7.31
CA ILE C 90 7.37 23.77 7.62
C ILE C 90 6.82 24.67 8.72
N ASP C 91 5.52 24.89 8.69
CA ASP C 91 4.87 25.69 9.72
C ASP C 91 5.19 25.10 11.08
N GLU C 92 4.98 23.79 11.22
CA GLU C 92 5.34 23.07 12.44
C GLU C 92 6.78 23.33 12.90
N ILE C 93 7.67 23.51 11.92
CA ILE C 93 9.08 23.82 12.17
C ILE C 93 9.26 25.29 12.52
N TRP C 94 8.53 26.13 11.81
CA TRP C 94 8.58 27.54 12.07
C TRP C 94 8.14 27.79 13.52
N SER C 95 7.06 27.13 13.93
CA SER C 95 6.41 27.44 15.19
C SER C 95 7.30 27.13 16.37
N GLN C 96 8.12 26.09 16.26
CA GLN C 96 9.02 25.67 17.34
C GLN C 96 10.21 26.62 17.43
N MET C 97 10.63 27.14 16.29
CA MET C 97 11.70 28.13 16.27
C MET C 97 11.18 29.54 16.68
N THR C 98 9.85 29.71 16.66
CA THR C 98 9.23 30.95 17.11
C THR C 98 9.20 30.93 18.62
N LYS C 99 8.65 29.86 19.18
CA LYS C 99 8.48 29.69 20.63
C LYS C 99 9.81 29.83 21.42
N GLU C 100 10.67 28.82 21.32
CA GLU C 100 11.93 28.77 22.06
C GLU C 100 13.15 28.85 21.14
N GLY C 101 12.91 28.80 19.84
CA GLY C 101 13.98 29.02 18.87
C GLY C 101 14.30 30.50 18.80
N LYS C 102 14.55 31.00 17.61
CA LYS C 102 15.16 32.31 17.47
C LYS C 102 14.71 33.20 16.30
N CYS C 103 13.48 32.98 15.82
CA CYS C 103 12.94 33.73 14.66
C CYS C 103 11.68 34.60 14.97
N LEU C 104 11.50 35.67 14.19
CA LEU C 104 10.26 36.45 14.25
C LEU C 104 9.69 36.65 12.84
N PRO C 105 8.40 36.33 12.65
CA PRO C 105 7.67 36.67 11.41
C PRO C 105 7.49 38.19 11.11
N ILE C 106 7.33 38.45 9.80
CA ILE C 106 7.40 39.78 9.21
C ILE C 106 6.69 39.87 7.83
N ASP C 107 6.12 41.05 7.51
CA ASP C 107 5.62 41.39 6.15
C ASP C 107 6.45 42.53 5.57
N GLN C 108 6.46 43.62 6.33
CA GLN C 108 7.41 44.66 6.10
C GLN C 108 7.90 44.91 7.52
N SER C 109 7.03 45.53 8.33
CA SER C 109 7.32 45.77 9.74
C SER C 109 7.42 44.43 10.50
N GLY C 110 8.25 44.43 11.54
CA GLY C 110 8.46 43.28 12.40
C GLY C 110 7.22 42.79 13.15
N ARG C 111 6.14 43.58 13.14
CA ARG C 111 4.90 43.18 13.80
C ARG C 111 4.29 41.98 13.09
N ARG C 112 3.31 41.35 13.72
CA ARG C 112 2.70 40.14 13.15
C ARG C 112 1.15 40.11 13.21
N SER C 113 0.58 39.66 12.08
CA SER C 113 -0.77 39.12 11.99
C SER C 113 -0.67 37.87 11.10
N SER C 114 -1.09 36.71 11.60
CA SER C 114 -0.78 35.40 10.96
C SER C 114 -1.09 35.29 9.45
N ASN C 115 -1.88 36.24 8.94
CA ASN C 115 -2.06 36.43 7.49
C ASN C 115 -1.20 37.58 6.93
N THR C 116 -1.77 38.78 6.74
CA THR C 116 -1.03 39.84 6.02
C THR C 116 0.45 39.94 6.46
N THR C 117 0.68 40.13 7.76
CA THR C 117 1.97 40.63 8.25
C THR C 117 3.02 39.55 8.68
N THR C 118 2.86 38.29 8.25
CA THR C 118 3.80 37.23 8.64
C THR C 118 4.14 36.24 7.51
N THR C 119 4.35 36.77 6.31
CA THR C 119 4.67 35.94 5.13
C THR C 119 6.11 35.45 5.21
N ARG C 120 7.01 36.43 5.30
CA ARG C 120 8.45 36.20 5.33
C ARG C 120 8.88 36.02 6.79
N TYR C 121 10.02 35.36 6.97
CA TYR C 121 10.52 35.03 8.29
C TYR C 121 11.88 35.63 8.50
N PHE C 122 12.27 35.73 9.76
CA PHE C 122 13.59 36.28 10.06
C PHE C 122 14.25 35.64 11.25
N ILE C 123 15.58 35.53 11.19
CA ILE C 123 16.32 34.70 12.12
C ILE C 123 17.50 35.36 12.80
N LEU C 124 17.83 34.91 14.03
CA LEU C 124 19.02 35.40 14.75
C LEU C 124 19.94 34.28 15.31
N TRP C 125 21.26 34.52 15.23
CA TRP C 125 22.33 33.63 15.75
C TRP C 125 22.56 34.03 17.22
N LYS C 126 22.98 35.27 17.44
CA LYS C 126 22.95 35.88 18.76
C LYS C 126 21.48 36.14 19.07
N SER C 127 21.13 36.39 20.33
CA SER C 127 19.77 36.81 20.65
C SER C 127 19.68 38.33 20.50
N LEU C 128 18.49 38.91 20.70
CA LEU C 128 18.32 40.36 20.55
C LEU C 128 18.90 41.10 21.76
N ASP C 129 18.91 40.43 22.91
CA ASP C 129 19.54 40.97 24.11
C ASP C 129 21.06 40.71 24.12
N SER C 130 21.52 39.79 23.25
CA SER C 130 22.96 39.56 23.01
C SER C 130 23.47 40.29 21.76
N TRP C 131 22.54 40.66 20.88
CA TRP C 131 22.84 41.33 19.62
C TRP C 131 22.78 42.86 19.87
N ALA C 132 21.85 43.28 20.72
CA ALA C 132 21.79 44.66 21.22
C ALA C 132 22.95 44.93 22.17
N SER C 133 23.42 43.88 22.83
CA SER C 133 24.52 44.00 23.77
C SER C 133 25.90 44.06 23.09
N LEU C 134 25.98 43.72 21.79
CA LEU C 134 27.26 43.79 21.06
C LEU C 134 27.42 45.04 20.17
N ILE C 135 26.31 45.71 19.85
CA ILE C 135 26.38 47.02 19.19
C ILE C 135 26.59 48.12 20.25
N LEU C 136 26.25 47.80 21.50
CA LEU C 136 26.62 48.62 22.66
C LEU C 136 28.12 48.49 23.01
N GLN C 137 28.76 47.42 22.51
CA GLN C 137 30.22 47.20 22.64
C GLN C 137 31.00 47.77 21.44
N TRP C 138 30.29 48.38 20.50
CA TRP C 138 30.88 49.31 19.53
C TRP C 138 31.19 50.62 20.26
N PHE C 139 30.16 51.19 20.89
CA PHE C 139 30.21 52.57 21.39
C PHE C 139 30.74 52.68 22.81
N GLU C 140 30.89 51.54 23.49
CA GLU C 140 31.67 51.47 24.71
C GLU C 140 33.16 51.50 24.32
N ASP C 141 33.53 50.63 23.37
CA ASP C 141 34.93 50.43 22.95
C ASP C 141 35.51 51.53 22.05
N SER C 142 34.67 52.45 21.56
CA SER C 142 35.15 53.55 20.70
C SER C 142 34.81 54.94 21.24
N GLY C 143 33.80 55.02 22.12
CA GLY C 143 33.37 56.28 22.69
C GLY C 143 32.60 57.18 21.73
N LYS C 144 31.78 56.57 20.87
CA LYS C 144 30.91 57.33 19.95
C LYS C 144 29.44 57.25 20.42
N LEU C 145 29.24 57.51 21.73
CA LEU C 145 27.95 57.36 22.41
C LEU C 145 26.92 58.46 22.11
N ASN C 146 27.28 59.69 22.45
CA ASN C 146 26.35 60.83 22.47
C ASN C 146 25.93 61.30 21.08
N GLN C 147 26.77 60.99 20.08
CA GLN C 147 26.43 61.21 18.67
C GLN C 147 25.13 60.49 18.29
N VAL C 148 24.54 60.95 17.20
CA VAL C 148 23.29 60.42 16.68
C VAL C 148 23.53 59.86 15.27
N ILE C 149 23.29 58.56 15.08
CA ILE C 149 23.28 57.96 13.74
C ILE C 149 21.98 57.23 13.53
N THR C 150 21.72 56.81 12.30
CA THR C 150 20.51 56.07 12.01
C THR C 150 20.81 54.69 11.46
N LEU C 151 19.72 53.98 11.18
CA LEU C 151 19.77 52.67 10.58
C LEU C 151 20.55 52.64 9.27
N TYR C 152 20.26 53.61 8.41
CA TYR C 152 20.92 53.74 7.11
C TYR C 152 22.47 53.83 7.20
N GLU C 153 22.98 54.44 8.28
CA GLU C 153 24.42 54.70 8.43
C GLU C 153 25.23 53.50 8.95
N LEU C 154 24.70 52.85 9.97
CA LEU C 154 25.40 51.75 10.65
C LEU C 154 25.36 50.44 9.87
N SER C 155 24.28 50.28 9.11
CA SER C 155 24.04 49.05 8.37
C SER C 155 24.96 48.97 7.16
N GLU C 156 24.92 49.99 6.32
CA GLU C 156 25.74 50.03 5.10
C GLU C 156 26.62 51.27 5.13
N GLY C 157 27.84 51.11 4.59
CA GLY C 157 28.71 52.23 4.33
C GLY C 157 29.96 52.28 5.18
N ASP C 158 29.84 52.88 6.37
CA ASP C 158 31.00 53.20 7.19
C ASP C 158 31.10 52.42 8.52
N GLU C 159 30.13 51.55 8.80
CA GLU C 159 30.10 50.76 10.06
C GLU C 159 30.32 49.25 9.89
N THR C 160 30.77 48.86 8.69
CA THR C 160 31.11 47.49 8.36
C THR C 160 32.58 47.21 8.75
N VAL C 161 32.79 46.50 9.87
CA VAL C 161 34.14 46.30 10.42
C VAL C 161 34.30 44.81 10.75
N ASN C 162 35.05 44.51 11.82
CA ASN C 162 35.06 43.18 12.45
C ASN C 162 33.77 42.95 13.26
N TRP C 163 32.73 43.73 12.90
CA TRP C 163 31.35 43.60 13.42
C TRP C 163 30.43 43.20 12.25
N GLU C 164 29.67 42.11 12.39
CA GLU C 164 28.85 41.60 11.27
C GLU C 164 27.45 42.18 11.12
N PHE C 165 27.06 43.10 12.00
CA PHE C 165 25.69 43.63 11.93
C PHE C 165 25.44 44.59 10.74
N HIS C 166 26.43 44.72 9.83
CA HIS C 166 26.20 45.45 8.58
C HIS C 166 25.22 44.67 7.72
N ARG C 167 24.24 45.39 7.16
CA ARG C 167 23.15 44.80 6.38
C ARG C 167 22.05 44.26 7.28
N MET C 168 21.95 44.79 8.49
CA MET C 168 20.80 44.48 9.33
C MET C 168 19.71 45.34 8.74
N PRO C 169 18.66 44.73 8.18
CA PRO C 169 17.68 45.50 7.43
C PRO C 169 16.86 46.44 8.29
N GLU C 170 16.01 47.20 7.61
CA GLU C 170 15.31 48.35 8.19
C GLU C 170 14.57 48.00 9.49
N SER C 171 14.06 46.77 9.57
CA SER C 171 13.11 46.46 10.61
C SER C 171 13.69 45.68 11.80
N LEU C 172 14.92 45.17 11.65
CA LEU C 172 15.53 44.37 12.71
C LEU C 172 16.31 45.30 13.58
N LEU C 173 17.10 46.13 12.96
CA LEU C 173 17.68 47.22 13.70
C LEU C 173 16.65 47.76 14.71
N TYR C 174 15.47 48.10 14.19
CA TYR C 174 14.37 48.67 14.99
C TYR C 174 14.06 47.84 16.23
N TYR C 175 13.75 46.58 15.98
CA TYR C 175 13.24 45.65 16.97
C TYR C 175 14.37 44.95 17.73
N CYS C 176 15.55 44.92 17.13
CA CYS C 176 16.74 44.32 17.75
C CYS C 176 17.23 45.16 18.92
N LEU C 177 17.02 46.48 18.80
CA LEU C 177 17.53 47.44 19.77
C LEU C 177 16.43 47.95 20.70
N LYS C 178 15.32 47.21 20.75
CA LYS C 178 14.24 47.42 21.72
C LYS C 178 14.45 46.77 23.13
N PRO C 179 15.53 46.01 23.40
CA PRO C 179 15.83 45.63 24.79
C PRO C 179 16.34 46.83 25.59
N LEU C 180 16.76 47.87 24.88
CA LEU C 180 17.36 49.06 25.48
C LEU C 180 16.34 50.17 25.81
N CYS C 181 15.04 49.90 25.62
CA CYS C 181 13.97 50.81 26.11
C CYS C 181 13.51 50.36 27.50
N ASP C 182 13.55 49.05 27.73
CA ASP C 182 13.28 48.44 29.04
C ASP C 182 14.57 48.13 29.84
N ARG C 183 15.74 48.42 29.26
CA ARG C 183 17.04 48.22 29.94
C ARG C 183 17.58 49.53 30.56
N ASN C 184 18.50 50.19 29.87
CA ASN C 184 19.07 51.44 30.35
C ASN C 184 18.22 52.63 29.91
N ARG C 185 17.34 52.38 28.95
CA ARG C 185 16.53 53.38 28.26
C ARG C 185 17.39 54.46 27.54
N ALA C 186 18.32 54.01 26.69
CA ALA C 186 19.05 54.93 25.79
C ALA C 186 18.05 55.38 24.71
N THR C 187 17.93 56.68 24.48
CA THR C 187 16.86 57.20 23.65
C THR C 187 16.97 56.81 22.17
N MET C 188 15.81 56.67 21.54
CA MET C 188 15.72 56.47 20.09
C MET C 188 14.56 57.27 19.54
N LEU C 189 14.66 57.56 18.25
CA LEU C 189 13.88 58.62 17.62
C LEU C 189 13.15 58.10 16.39
N LYS C 190 12.11 58.82 15.95
CA LYS C 190 11.19 58.32 14.93
C LYS C 190 10.49 59.41 14.10
N ASP C 191 10.41 59.20 12.78
CA ASP C 191 9.52 59.98 11.93
C ASP C 191 8.27 59.21 11.55
N GLU C 192 7.19 59.45 12.31
CA GLU C 192 5.93 58.73 12.16
C GLU C 192 6.15 57.21 12.16
N ASN C 193 6.92 56.75 13.15
CA ASN C 193 7.22 55.32 13.40
C ASN C 193 8.41 54.71 12.63
N ASP C 194 9.13 55.54 11.87
CA ASP C 194 10.36 55.09 11.19
C ASP C 194 11.58 55.74 11.89
N LYS C 195 12.57 54.90 12.24
CA LYS C 195 13.51 55.17 13.35
C LYS C 195 14.94 55.75 13.07
N VAL C 196 15.65 56.00 14.18
CA VAL C 196 17.04 56.47 14.21
C VAL C 196 17.43 56.67 15.69
N ILE C 197 18.68 56.40 16.05
CA ILE C 197 19.05 56.31 17.48
C ILE C 197 20.20 57.20 17.91
N ALA C 198 20.14 57.60 19.18
CA ALA C 198 21.28 58.17 19.93
C ALA C 198 21.49 57.34 21.22
N ILE C 199 22.66 57.50 21.85
CA ILE C 199 22.93 56.81 23.12
C ILE C 199 23.36 57.82 24.17
N LEU D 396 -7.91 -40.32 9.71
CA LEU D 396 -7.08 -39.85 10.86
C LEU D 396 -7.92 -39.14 11.96
N ASP D 397 -8.38 -37.91 11.71
CA ASP D 397 -8.92 -37.11 12.80
C ASP D 397 -9.84 -35.95 12.43
N ARG D 398 -11.11 -36.22 12.28
CA ARG D 398 -11.99 -35.12 11.94
C ARG D 398 -12.92 -34.81 13.11
N GLU D 399 -13.98 -35.60 13.15
CA GLU D 399 -15.15 -35.42 14.00
C GLU D 399 -15.27 -36.67 14.86
N LYS D 400 -14.16 -37.40 14.96
CA LYS D 400 -14.05 -38.59 15.81
C LYS D 400 -13.79 -38.18 17.24
N PHE D 401 -13.45 -36.92 17.46
CA PHE D 401 -13.06 -36.46 18.78
C PHE D 401 -14.27 -35.88 19.47
N LEU D 402 -14.61 -36.42 20.62
CA LEU D 402 -15.81 -36.02 21.32
C LEU D 402 -15.46 -34.92 22.25
N ASN D 403 -14.42 -35.14 23.03
CA ASN D 403 -13.93 -34.13 23.95
C ASN D 403 -13.38 -32.97 23.16
N LYS D 404 -14.08 -31.86 23.16
CA LYS D 404 -13.59 -30.66 22.50
C LYS D 404 -12.13 -30.38 22.93
N GLU D 405 -11.88 -30.27 24.22
CA GLU D 405 -10.55 -29.90 24.71
C GLU D 405 -9.43 -30.77 24.14
N LEU D 406 -9.57 -32.08 24.25
CA LEU D 406 -8.52 -32.99 23.82
C LEU D 406 -8.21 -32.77 22.35
N PHE D 407 -9.25 -32.50 21.58
CA PHE D 407 -9.09 -32.18 20.19
C PHE D 407 -8.04 -31.13 20.09
N LEU D 408 -8.35 -29.96 20.63
CA LEU D 408 -7.48 -28.80 20.51
C LEU D 408 -6.10 -29.16 20.98
N ASP D 409 -6.00 -29.71 22.16
CA ASP D 409 -4.72 -30.16 22.65
C ASP D 409 -3.94 -30.84 21.54
N GLU D 410 -4.60 -31.65 20.72
CA GLU D 410 -3.89 -32.34 19.65
C GLU D 410 -3.75 -31.50 18.41
N ILE D 411 -4.71 -30.62 18.15
CA ILE D 411 -4.58 -29.71 17.02
C ILE D 411 -3.33 -28.87 17.21
N ALA D 412 -3.09 -28.47 18.45
CA ALA D 412 -1.99 -27.59 18.75
C ALA D 412 -0.73 -28.33 18.43
N ARG D 413 -0.59 -29.51 18.99
CA ARG D 413 0.55 -30.34 18.70
C ARG D 413 0.81 -30.37 17.20
N GLU D 414 -0.26 -30.36 16.38
CA GLU D 414 -0.11 -30.52 14.93
C GLU D 414 0.51 -29.31 14.33
N ILE D 415 0.07 -28.15 14.77
CA ILE D 415 0.57 -26.90 14.23
C ILE D 415 1.98 -26.70 14.67
N TYR D 416 2.22 -26.74 15.97
CA TYR D 416 3.55 -26.61 16.50
C TYR D 416 4.51 -27.41 15.70
N GLU D 417 4.09 -28.56 15.23
CA GLU D 417 4.97 -29.35 14.42
C GLU D 417 4.97 -28.89 12.98
N PHE D 418 3.85 -28.39 12.51
CA PHE D 418 3.80 -27.85 11.16
C PHE D 418 4.77 -26.71 10.98
N THR D 419 4.67 -25.73 11.85
CA THR D 419 5.50 -24.54 11.71
C THR D 419 6.95 -24.96 11.86
N LEU D 420 7.27 -25.65 12.94
CA LEU D 420 8.66 -25.98 13.15
C LEU D 420 9.21 -26.67 11.91
N SER D 421 8.35 -27.44 11.24
CA SER D 421 8.72 -28.09 10.00
C SER D 421 9.04 -27.05 8.94
N GLU D 422 8.16 -26.07 8.81
CA GLU D 422 8.32 -25.03 7.79
C GLU D 422 9.59 -24.15 7.93
N PHE D 423 10.47 -24.40 8.91
CA PHE D 423 11.75 -23.67 8.92
C PHE D 423 13.03 -24.41 9.33
N LYS D 424 13.13 -24.84 10.59
CA LYS D 424 14.42 -25.17 11.23
C LYS D 424 15.36 -25.98 10.33
N ASP D 425 16.46 -25.36 9.90
CA ASP D 425 17.45 -26.06 9.10
C ASP D 425 18.37 -26.90 10.00
N LEU D 426 18.50 -26.50 11.27
CA LEU D 426 19.45 -27.16 12.19
C LEU D 426 20.94 -27.15 11.75
N ASN D 427 21.29 -26.18 10.90
CA ASN D 427 22.68 -25.83 10.62
C ASN D 427 23.03 -24.56 11.41
N SER D 428 22.00 -23.79 11.72
CA SER D 428 22.12 -22.66 12.63
C SER D 428 21.00 -22.70 13.69
N ASP D 429 21.26 -22.09 14.84
CA ASP D 429 20.19 -21.53 15.67
C ASP D 429 20.23 -19.98 15.58
N THR D 430 20.52 -19.47 14.39
CA THR D 430 20.34 -18.07 14.04
C THR D 430 19.10 -17.89 13.18
N ASN D 431 18.44 -19.00 12.86
CA ASN D 431 17.23 -18.98 12.03
C ASN D 431 15.94 -18.79 12.86
N TYR D 432 14.99 -17.99 12.36
CA TYR D 432 13.74 -17.68 13.08
C TYR D 432 12.48 -17.85 12.23
N MET D 433 11.33 -17.64 12.86
CA MET D 433 10.04 -17.62 12.20
C MET D 433 9.20 -16.58 12.95
N ILE D 434 8.76 -15.51 12.27
CA ILE D 434 7.63 -14.74 12.78
C ILE D 434 6.52 -14.99 11.82
N ILE D 435 5.34 -15.37 12.33
CA ILE D 435 4.16 -15.37 11.50
C ILE D 435 2.99 -14.70 12.19
N THR D 436 2.41 -13.73 11.49
CA THR D 436 1.13 -13.18 11.85
C THR D 436 0.26 -14.36 11.91
N LEU D 437 -0.55 -14.48 12.94
CA LEU D 437 -1.38 -15.66 13.03
C LEU D 437 -2.20 -15.88 11.80
N VAL D 438 -2.71 -14.81 11.19
CA VAL D 438 -3.61 -15.00 10.07
C VAL D 438 -2.91 -15.69 8.94
N ASP D 439 -1.71 -15.25 8.63
CA ASP D 439 -0.97 -15.91 7.58
C ASP D 439 -0.68 -17.37 7.90
N LEU D 440 -0.65 -17.72 9.18
CA LEU D 440 -0.34 -19.10 9.59
C LEU D 440 -1.50 -20.01 9.31
N TYR D 441 -2.64 -19.58 9.79
CA TYR D 441 -3.91 -20.22 9.54
C TYR D 441 -4.17 -20.37 8.08
N ALA D 442 -3.61 -19.49 7.28
CA ALA D 442 -3.80 -19.61 5.86
C ALA D 442 -3.16 -20.88 5.40
N MET D 443 -1.94 -21.13 5.83
CA MET D 443 -1.20 -22.25 5.26
C MET D 443 -1.42 -23.54 6.02
N TYR D 444 -1.39 -23.48 7.33
CA TYR D 444 -1.65 -24.66 8.13
C TYR D 444 -2.84 -25.40 7.59
N ASN D 445 -3.97 -24.73 7.51
CA ASN D 445 -5.16 -25.33 6.95
C ASN D 445 -4.91 -25.84 5.55
N LYS D 446 -4.49 -24.92 4.68
CA LYS D 446 -4.40 -25.22 3.27
C LYS D 446 -3.62 -26.53 3.07
N SER D 447 -2.54 -26.70 3.83
CA SER D 447 -1.62 -27.82 3.60
C SER D 447 -1.94 -29.09 4.39
N MET D 448 -2.16 -28.96 5.70
CA MET D 448 -2.34 -30.11 6.56
C MET D 448 -3.78 -30.63 6.51
N ARG D 449 -4.71 -29.73 6.76
CA ARG D 449 -6.03 -30.13 7.16
C ARG D 449 -7.04 -30.19 6.04
N ILE D 450 -6.62 -30.07 4.80
CA ILE D 450 -7.57 -30.13 3.70
C ILE D 450 -7.94 -31.58 3.45
N GLY D 451 -9.18 -31.94 3.74
CA GLY D 451 -9.64 -33.32 3.64
C GLY D 451 -9.57 -34.09 4.97
N THR D 452 -8.70 -33.63 5.86
CA THR D 452 -8.57 -34.16 7.23
C THR D 452 -9.61 -33.59 8.19
N GLY D 453 -10.39 -32.59 7.75
CA GLY D 453 -11.19 -31.75 8.63
C GLY D 453 -10.62 -30.31 8.66
N LEU D 454 -11.45 -29.28 8.50
CA LEU D 454 -10.98 -27.89 8.45
C LEU D 454 -11.09 -27.20 9.79
N ILE D 455 -10.51 -26.01 9.98
CA ILE D 455 -10.49 -25.37 11.31
C ILE D 455 -11.09 -23.99 11.43
N SER D 456 -11.82 -23.78 12.52
CA SER D 456 -12.34 -22.46 12.87
C SER D 456 -11.24 -21.64 13.43
N PRO D 457 -11.18 -20.40 13.02
CA PRO D 457 -10.10 -19.53 13.42
C PRO D 457 -10.18 -19.48 14.92
N MET D 458 -11.40 -19.33 15.42
CA MET D 458 -11.61 -19.30 16.85
C MET D 458 -10.88 -20.47 17.43
N GLU D 459 -10.92 -21.64 16.80
CA GLU D 459 -10.12 -22.72 17.33
C GLU D 459 -8.66 -22.63 16.98
N MET D 460 -8.27 -21.99 15.90
CA MET D 460 -6.84 -21.77 15.67
C MET D 460 -6.23 -20.92 16.75
N ARG D 461 -6.96 -19.88 17.11
CA ARG D 461 -6.46 -19.00 18.13
C ARG D 461 -6.36 -19.75 19.43
N GLU D 462 -7.41 -20.44 19.82
CA GLU D 462 -7.38 -21.13 21.10
C GLU D 462 -6.29 -22.17 21.13
N ALA D 463 -6.01 -22.79 19.99
CA ALA D 463 -5.02 -23.85 19.95
C ALA D 463 -3.69 -23.30 20.33
N CYS D 464 -3.25 -22.36 19.52
CA CYS D 464 -1.92 -21.83 19.66
C CYS D 464 -1.70 -21.24 21.03
N GLU D 465 -2.78 -20.81 21.67
CA GLU D 465 -2.68 -20.07 22.91
C GLU D 465 -2.13 -20.91 24.04
N ARG D 466 -2.06 -22.23 23.82
CA ARG D 466 -1.71 -23.17 24.87
C ARG D 466 -0.46 -24.02 24.64
N PHE D 467 0.36 -23.68 23.66
CA PHE D 467 1.68 -24.32 23.52
C PHE D 467 2.44 -24.38 24.82
N GLU D 468 2.45 -23.26 25.51
CA GLU D 468 3.26 -23.11 26.70
C GLU D 468 2.87 -24.15 27.74
N HIS D 469 1.59 -24.48 27.74
CA HIS D 469 1.00 -25.47 28.64
C HIS D 469 1.26 -26.92 28.30
N LEU D 470 1.40 -27.22 27.02
CA LEU D 470 1.71 -28.56 26.58
C LEU D 470 3.20 -28.74 26.39
N GLY D 471 3.97 -27.75 26.81
CA GLY D 471 5.42 -27.86 26.81
C GLY D 471 6.03 -27.88 25.42
N LEU D 472 5.44 -27.08 24.54
CA LEU D 472 5.96 -26.84 23.18
C LEU D 472 6.66 -25.48 23.20
N ASN D 473 7.92 -25.49 23.61
CA ASN D 473 8.53 -24.29 24.12
C ASN D 473 9.20 -23.47 23.04
N GLU D 474 9.57 -24.09 21.93
CA GLU D 474 10.30 -23.37 20.88
C GLU D 474 9.51 -22.26 20.23
N LEU D 475 8.18 -22.30 20.32
CA LEU D 475 7.35 -21.36 19.60
C LEU D 475 6.28 -20.82 20.50
N LYS D 476 6.15 -19.50 20.53
CA LYS D 476 5.21 -18.80 21.42
C LYS D 476 4.23 -17.94 20.64
N LEU D 477 3.01 -17.77 21.15
CA LEU D 477 2.06 -16.83 20.53
C LEU D 477 1.89 -15.59 21.37
N VAL D 478 1.99 -14.41 20.75
CA VAL D 478 1.95 -13.13 21.48
C VAL D 478 1.37 -11.94 20.75
N LYS D 479 0.81 -11.02 21.53
CA LYS D 479 0.32 -9.75 21.03
C LYS D 479 1.36 -8.76 21.44
N VAL D 480 1.81 -7.95 20.49
CA VAL D 480 3.03 -7.19 20.68
C VAL D 480 2.76 -5.71 20.83
N ASN D 481 1.83 -5.19 20.07
CA ASN D 481 1.32 -3.88 20.38
C ASN D 481 -0.16 -4.03 20.44
N LYS D 482 -0.91 -2.95 20.36
CA LYS D 482 -2.31 -3.09 20.05
C LYS D 482 -2.47 -4.21 19.02
N ARG D 483 -1.75 -4.13 17.90
CA ARG D 483 -2.23 -4.81 16.72
C ARG D 483 -1.56 -6.07 16.34
N ILE D 484 -0.29 -6.21 16.61
CA ILE D 484 0.37 -7.39 16.05
C ILE D 484 -0.02 -8.64 16.79
N LEU D 485 -0.67 -9.60 16.15
CA LEU D 485 -0.86 -10.87 16.84
C LEU D 485 -0.19 -11.95 16.08
N CYS D 486 0.82 -12.58 16.68
CA CYS D 486 1.69 -13.48 15.93
C CYS D 486 2.37 -14.54 16.76
N VAL D 487 2.94 -15.49 16.05
CA VAL D 487 3.65 -16.60 16.59
C VAL D 487 5.07 -16.47 16.17
N THR D 488 6.01 -16.60 17.11
CA THR D 488 7.45 -16.51 16.81
C THR D 488 8.33 -17.52 17.52
N SER D 489 9.56 -17.64 17.03
CA SER D 489 10.56 -18.49 17.67
C SER D 489 11.39 -17.70 18.65
N GLU D 490 11.34 -16.37 18.56
CA GLU D 490 12.18 -15.48 19.36
C GLU D 490 11.41 -14.30 19.92
N LYS D 491 12.07 -13.56 20.81
CA LYS D 491 11.54 -12.29 21.31
C LYS D 491 11.19 -11.36 20.13
N PHE D 492 10.26 -10.44 20.32
CA PHE D 492 10.01 -9.49 19.26
C PHE D 492 11.22 -8.61 19.13
N ASP D 493 11.60 -8.01 20.23
CA ASP D 493 12.64 -7.04 20.19
C ASP D 493 13.80 -7.61 19.39
N VAL D 494 14.08 -8.87 19.59
CA VAL D 494 15.26 -9.46 19.01
C VAL D 494 15.11 -9.57 17.53
N VAL D 495 13.90 -9.82 17.08
CA VAL D 495 13.65 -9.91 15.66
C VAL D 495 13.46 -8.54 15.06
N LYS D 496 12.99 -7.61 15.87
CA LYS D 496 12.88 -6.25 15.40
C LYS D 496 14.32 -5.90 14.98
N GLU D 497 15.19 -5.74 15.97
CA GLU D 497 16.58 -5.38 15.76
C GLU D 497 17.18 -6.04 14.53
N LYS D 498 16.80 -7.28 14.24
CA LYS D 498 17.40 -7.99 13.13
C LYS D 498 17.11 -7.26 11.85
N LEU D 499 15.82 -7.04 11.60
CA LEU D 499 15.36 -6.34 10.40
C LEU D 499 16.00 -4.98 10.26
N VAL D 500 15.91 -4.20 11.33
CA VAL D 500 16.48 -2.87 11.37
C VAL D 500 17.88 -2.88 10.78
N ASP D 501 18.75 -3.73 11.33
CA ASP D 501 20.17 -3.71 11.00
C ASP D 501 20.42 -4.18 9.56
N LEU D 502 19.47 -4.91 8.99
CA LEU D 502 19.57 -5.38 7.62
C LEU D 502 19.36 -4.22 6.68
N ILE D 503 18.54 -3.29 7.11
CA ILE D 503 18.38 -2.05 6.37
C ILE D 503 19.62 -1.18 6.56
N GLY D 504 20.15 -1.18 7.77
CA GLY D 504 21.43 -0.54 8.04
C GLY D 504 22.54 -1.09 7.18
N ASP D 505 22.23 -2.16 6.44
CA ASP D 505 23.07 -2.63 5.36
C ASP D 505 22.45 -2.37 3.99
N ASN D 506 21.13 -2.36 3.89
CA ASN D 506 20.46 -2.16 2.61
C ASN D 506 19.57 -0.90 2.56
N PRO D 507 20.15 0.30 2.70
CA PRO D 507 19.36 1.49 3.00
C PRO D 507 18.69 2.03 1.77
N GLY D 508 17.65 2.81 2.05
CA GLY D 508 16.79 3.40 1.05
C GLY D 508 15.79 2.45 0.46
N SER D 509 15.85 1.18 0.84
CA SER D 509 15.12 0.15 0.13
C SER D 509 13.63 0.13 0.50
N ASP D 510 12.79 -0.21 -0.48
CA ASP D 510 11.35 -0.23 -0.26
C ASP D 510 10.84 -1.64 -0.36
N LEU D 511 9.62 -1.84 0.11
CA LEU D 511 9.05 -3.16 0.22
C LEU D 511 9.31 -4.04 -0.99
N LEU D 512 8.98 -3.59 -2.21
CA LEU D 512 9.03 -4.48 -3.36
C LEU D 512 10.41 -5.14 -3.43
N ARG D 513 11.44 -4.36 -3.13
CA ARG D 513 12.85 -4.81 -3.15
C ARG D 513 13.20 -5.55 -1.86
N LEU D 514 12.85 -4.94 -0.74
CA LEU D 514 12.96 -5.55 0.57
C LEU D 514 12.25 -6.89 0.62
N THR D 515 11.22 -7.09 -0.18
CA THR D 515 10.62 -8.40 -0.21
C THR D 515 11.73 -9.25 -0.76
N GLN D 516 12.00 -9.09 -2.04
CA GLN D 516 12.93 -9.97 -2.73
C GLN D 516 14.15 -10.22 -1.87
N ILE D 517 14.82 -9.13 -1.49
CA ILE D 517 16.17 -9.23 -0.97
C ILE D 517 16.20 -10.04 0.26
N LEU D 518 15.29 -9.75 1.16
CA LEU D 518 15.32 -10.38 2.44
C LEU D 518 14.81 -11.80 2.27
N SER D 519 13.52 -11.93 2.00
CA SER D 519 12.98 -13.26 1.81
C SER D 519 12.99 -13.56 0.32
N SER D 520 13.87 -14.45 -0.12
CA SER D 520 13.71 -14.96 -1.46
C SER D 520 12.87 -16.23 -1.38
N ASN D 521 12.71 -16.88 -2.54
CA ASN D 521 11.88 -18.09 -2.67
C ASN D 521 12.55 -19.27 -2.00
N ASN D 522 13.81 -19.52 -2.38
CA ASN D 522 14.59 -20.66 -1.87
C ASN D 522 15.66 -20.26 -0.83
N SER D 523 15.95 -18.96 -0.74
CA SER D 523 16.74 -18.42 0.35
C SER D 523 15.85 -18.46 1.61
N LYS D 524 16.11 -19.43 2.50
CA LYS D 524 15.21 -19.70 3.64
C LYS D 524 15.47 -18.79 4.87
N SER D 525 15.04 -17.55 4.72
CA SER D 525 14.77 -16.68 5.85
C SER D 525 13.25 -16.63 5.76
N ASN D 526 12.57 -16.65 6.89
CA ASN D 526 11.16 -17.04 6.88
C ASN D 526 10.19 -15.90 7.11
N TRP D 527 10.52 -14.78 6.49
CA TRP D 527 9.66 -13.62 6.57
C TRP D 527 8.57 -13.68 5.54
N THR D 528 7.41 -14.15 5.95
CA THR D 528 6.27 -14.01 5.10
C THR D 528 5.97 -12.51 4.97
N LEU D 529 5.18 -12.16 3.96
CA LEU D 529 4.87 -10.74 3.71
C LEU D 529 4.15 -10.11 4.88
N GLY D 530 3.06 -10.74 5.32
CA GLY D 530 2.17 -10.09 6.26
C GLY D 530 2.89 -9.50 7.45
N ILE D 531 3.78 -10.27 8.01
CA ILE D 531 4.45 -9.86 9.20
C ILE D 531 5.49 -8.80 8.90
N LEU D 532 5.92 -8.73 7.66
CA LEU D 532 6.90 -7.72 7.29
C LEU D 532 6.38 -6.36 7.54
N MET D 533 5.22 -6.08 6.97
CA MET D 533 4.69 -4.74 6.98
C MET D 533 4.31 -4.36 8.37
N GLU D 534 3.91 -5.36 9.13
CA GLU D 534 3.42 -5.14 10.46
C GLU D 534 4.51 -4.71 11.40
N VAL D 535 5.71 -5.28 11.20
CA VAL D 535 6.88 -5.01 12.00
C VAL D 535 7.40 -3.67 11.62
N LEU D 536 7.43 -3.45 10.32
CA LEU D 536 7.94 -2.22 9.75
C LEU D 536 7.22 -1.10 10.40
N GLN D 537 5.94 -1.00 10.08
CA GLN D 537 5.10 -0.05 10.73
C GLN D 537 5.41 0.10 12.21
N ASN D 538 5.71 -0.98 12.90
CA ASN D 538 6.04 -0.90 14.34
C ASN D 538 7.25 -0.04 14.61
N CYS D 539 8.39 -0.51 14.14
CA CYS D 539 9.63 0.23 14.37
C CYS D 539 9.53 1.69 13.90
N VAL D 540 8.59 1.97 13.00
CA VAL D 540 8.39 3.33 12.56
C VAL D 540 7.82 4.13 13.72
N ASP D 541 6.87 3.56 14.43
CA ASP D 541 6.25 4.29 15.51
C ASP D 541 7.22 4.54 16.64
N GLU D 542 7.83 3.48 17.12
CA GLU D 542 8.78 3.61 18.24
C GLU D 542 10.07 4.37 17.84
N GLY D 543 10.13 4.77 16.58
CA GLY D 543 11.16 5.65 16.10
C GLY D 543 12.39 4.88 15.72
N ASP D 544 12.26 3.57 15.66
CA ASP D 544 13.43 2.74 15.36
C ASP D 544 13.88 2.80 13.90
N LEU D 545 12.99 3.21 13.03
CA LEU D 545 13.27 3.22 11.62
C LEU D 545 12.79 4.55 11.03
N LEU D 546 13.57 5.10 10.10
CA LEU D 546 13.27 6.40 9.47
C LEU D 546 12.73 6.17 8.10
N ILE D 547 11.99 7.15 7.59
CA ILE D 547 11.25 7.02 6.34
C ILE D 547 11.43 8.13 5.35
N ASP D 548 11.07 7.84 4.10
CA ASP D 548 11.07 8.82 3.04
C ASP D 548 9.91 8.64 2.07
N LYS D 549 8.79 9.33 2.29
CA LYS D 549 7.61 9.14 1.45
C LYS D 549 7.80 9.84 0.11
N GLN D 550 7.55 9.14 -0.96
CA GLN D 550 7.25 9.81 -2.21
C GLN D 550 6.07 9.08 -2.83
N LEU D 551 5.37 9.75 -3.73
CA LEU D 551 4.40 9.09 -4.56
C LEU D 551 4.90 7.70 -4.95
N SER D 552 6.12 7.68 -5.48
CA SER D 552 6.77 6.49 -6.02
C SER D 552 6.56 5.31 -5.11
N GLY D 553 6.29 5.61 -3.86
CA GLY D 553 6.09 4.63 -2.83
C GLY D 553 6.85 5.11 -1.60
N ILE D 554 6.79 4.33 -0.53
CA ILE D 554 7.49 4.62 0.72
C ILE D 554 8.89 4.03 0.71
N TYR D 555 9.85 4.68 1.36
CA TYR D 555 11.25 4.21 1.30
C TYR D 555 11.87 4.26 2.67
N TYR D 556 12.49 3.17 3.13
CA TYR D 556 12.93 3.07 4.50
C TYR D 556 14.43 3.17 4.65
N TYR D 557 14.83 3.69 5.80
CA TYR D 557 16.23 3.90 6.19
C TYR D 557 16.37 3.53 7.68
N LYS D 558 17.57 3.41 8.19
CA LYS D 558 17.76 3.07 9.60
C LYS D 558 18.01 4.34 10.43
N ASN D 559 17.45 4.41 11.63
CA ASN D 559 17.65 5.59 12.48
C ASN D 559 19.07 5.73 13.00
N SER D 560 19.85 6.61 12.41
CA SER D 560 21.24 6.70 12.80
C SER D 560 21.70 8.07 13.23
N TYR D 561 20.86 9.10 13.04
CA TYR D 561 21.18 10.44 13.54
C TYR D 561 20.39 10.79 14.79
N TRP D 562 19.52 9.87 15.22
CA TRP D 562 18.48 10.23 16.18
C TRP D 562 18.25 9.16 17.28
N PRO D 563 17.56 9.55 18.36
CA PRO D 563 17.70 9.04 19.74
C PRO D 563 17.09 7.68 20.10
N SER D 564 16.01 7.68 20.91
CA SER D 564 15.18 6.51 21.22
C SER D 564 15.94 5.22 21.67
N HIS D 565 16.36 5.26 22.93
CA HIS D 565 17.21 4.25 23.58
C HIS D 565 16.48 2.89 23.84
N ILE D 566 17.01 1.78 23.29
CA ILE D 566 16.32 0.45 23.14
C ILE D 566 14.81 0.44 23.44
#